data_3VWX
#
_entry.id   3VWX
#
_cell.length_a   87.548
_cell.length_b   87.548
_cell.length_c   131.883
_cell.angle_alpha   90.00
_cell.angle_beta   90.00
_cell.angle_gamma   120.00
#
_symmetry.space_group_name_H-M   'P 31'
#
loop_
_entity.id
_entity.type
_entity.pdbx_description
1 polymer 'Glutathione s-transferase 6B'
2 non-polymer GLUTATHIONE
3 water water
#
_entity_poly.entity_id   1
_entity_poly.type   'polypeptide(L)'
_entity_poly.pdbx_seq_one_letter_code
;MGKLVLYGIDPSPPVRACLLTLKALNLPFEYKVVNLFAKEHLSEEYLKKNPQHTVPTLEEDGHLIWDSHAIMAYLVSKYG
KDDSLYPKDLLKRAVVDQRMYFEAGVLFQGGLRNITAPLFFRNQTQIPQHQIDSIVESYGFLESFLKNNKYMAGDHLTIA
DFSIVTSVTSLVAFAEIDQSKFPKLSAWLKSLQSLPFYEEANGAGAKQLVAMVKSKNLTIVP
;
_entity_poly.pdbx_strand_id   A,B,C,D
#
# COMPACT_ATOMS: atom_id res chain seq x y z
N LYS A 3 36.94 3.19 -7.34
CA LYS A 3 36.72 2.28 -6.19
C LYS A 3 35.77 2.98 -5.18
N LEU A 4 34.60 2.34 -5.04
CA LEU A 4 33.54 2.96 -4.22
C LEU A 4 33.34 2.13 -2.93
N VAL A 5 33.24 2.83 -1.80
CA VAL A 5 32.91 2.25 -0.55
C VAL A 5 31.76 3.07 0.06
N LEU A 6 30.72 2.40 0.44
CA LEU A 6 29.59 3.01 1.17
C LEU A 6 29.65 2.53 2.58
N TYR A 7 29.60 3.50 3.52
CA TYR A 7 29.53 3.14 4.94
C TYR A 7 28.11 3.37 5.44
N GLY A 8 27.55 2.39 6.11
CA GLY A 8 26.18 2.48 6.55
C GLY A 8 25.72 1.28 7.33
N ILE A 9 24.38 1.25 7.59
CA ILE A 9 23.69 0.10 8.23
C ILE A 9 22.34 0.01 7.56
N ASP A 10 21.74 -1.17 7.34
CA ASP A 10 20.59 -1.21 6.48
C ASP A 10 19.33 -0.49 7.04
N PRO A 11 19.09 -0.47 8.33
CA PRO A 11 17.90 0.22 8.80
C PRO A 11 17.87 1.74 8.57
N SER A 12 19.01 2.35 8.25
CA SER A 12 19.06 3.82 8.06
C SER A 12 18.45 4.20 6.68
N PRO A 13 17.40 5.05 6.67
CA PRO A 13 16.80 5.45 5.34
C PRO A 13 17.84 6.08 4.42
N PRO A 14 18.70 7.05 4.89
CA PRO A 14 19.56 7.64 3.88
C PRO A 14 20.62 6.69 3.34
N VAL A 15 21.04 5.71 4.12
CA VAL A 15 21.87 4.59 3.61
C VAL A 15 21.10 3.88 2.48
N ARG A 16 19.88 3.46 2.76
CA ARG A 16 19.04 2.78 1.75
C ARG A 16 18.84 3.56 0.48
N ALA A 17 18.77 4.88 0.56
CA ALA A 17 18.64 5.73 -0.62
C ALA A 17 19.85 5.60 -1.50
N CYS A 18 21.01 5.59 -0.88
CA CYS A 18 22.30 5.39 -1.57
C CYS A 18 22.35 3.97 -2.19
N LEU A 19 21.90 3.02 -1.44
CA LEU A 19 21.85 1.57 -1.95
C LEU A 19 20.96 1.50 -3.12
N LEU A 20 19.76 2.14 -3.08
CA LEU A 20 18.90 2.17 -4.25
C LEU A 20 19.56 2.79 -5.46
N THR A 21 20.29 3.88 -5.29
CA THR A 21 20.93 4.58 -6.36
C THR A 21 22.12 3.82 -6.99
N LEU A 22 22.94 3.21 -6.13
CA LEU A 22 24.06 2.38 -6.53
C LEU A 22 23.54 1.25 -7.43
N LYS A 23 22.45 0.66 -7.01
CA LYS A 23 21.85 -0.50 -7.74
C LYS A 23 21.26 -0.05 -9.03
N ALA A 24 20.53 1.08 -9.01
CA ALA A 24 19.99 1.66 -10.21
C ALA A 24 21.02 1.98 -11.24
N LEU A 25 22.20 2.45 -10.83
CA LEU A 25 23.27 2.79 -11.74
C LEU A 25 24.20 1.57 -12.06
N ASN A 26 23.90 0.45 -11.42
CA ASN A 26 24.64 -0.78 -11.50
C ASN A 26 26.13 -0.61 -11.26
N LEU A 27 26.46 0.07 -10.14
CA LEU A 27 27.84 0.34 -9.73
C LEU A 27 28.31 -0.62 -8.71
N PRO A 28 29.45 -1.27 -8.96
CA PRO A 28 30.08 -2.07 -7.91
C PRO A 28 30.55 -1.19 -6.77
N PHE A 29 30.36 -1.67 -5.54
CA PHE A 29 30.86 -0.98 -4.36
C PHE A 29 31.06 -1.95 -3.27
N GLU A 30 31.86 -1.58 -2.29
CA GLU A 30 32.03 -2.28 -1.05
C GLU A 30 31.11 -1.64 -0.03
N TYR A 31 30.43 -2.47 0.70
CA TYR A 31 29.51 -2.01 1.77
C TYR A 31 30.18 -2.28 3.09
N LYS A 32 30.64 -1.24 3.75
CA LYS A 32 31.24 -1.33 5.08
C LYS A 32 30.21 -1.00 6.14
N VAL A 33 29.93 -1.95 6.99
CA VAL A 33 28.90 -1.78 8.04
C VAL A 33 29.45 -0.95 9.17
N VAL A 34 28.74 0.15 9.44
CA VAL A 34 29.02 0.95 10.56
C VAL A 34 27.82 0.90 11.48
N ASN A 35 27.95 0.12 12.55
CA ASN A 35 26.84 -0.21 13.37
C ASN A 35 26.60 0.89 14.47
N LEU A 36 25.58 1.71 14.24
CA LEU A 36 25.22 2.86 15.09
C LEU A 36 24.90 2.38 16.50
N PHE A 37 24.28 1.22 16.57
CA PHE A 37 23.86 0.64 17.86
C PHE A 37 25.06 0.20 18.68
N ALA A 38 26.17 -0.08 18.03
CA ALA A 38 27.40 -0.40 18.71
C ALA A 38 28.29 0.87 18.81
N LYS A 39 27.74 2.04 18.42
CA LYS A 39 28.45 3.28 18.42
C LYS A 39 29.77 3.27 17.58
N GLU A 40 29.78 2.45 16.57
CA GLU A 40 30.91 2.40 15.58
C GLU A 40 31.10 3.75 14.83
N HIS A 41 30.10 4.62 14.85
CA HIS A 41 30.18 5.91 14.14
C HIS A 41 30.87 6.99 14.99
N LEU A 42 31.20 6.64 16.25
CA LEU A 42 31.74 7.58 17.20
C LEU A 42 33.24 7.35 17.47
N SER A 43 33.81 6.35 16.82
CA SER A 43 35.27 6.08 16.89
C SER A 43 36.08 7.22 16.27
N GLU A 44 37.31 7.42 16.75
CA GLU A 44 38.21 8.39 16.08
C GLU A 44 38.34 8.18 14.57
N GLU A 45 38.41 6.93 14.13
CA GLU A 45 38.57 6.61 12.74
C GLU A 45 37.38 7.12 11.88
N TYR A 46 36.18 6.86 12.37
CA TYR A 46 34.99 7.28 11.61
C TYR A 46 34.81 8.79 11.65
N LEU A 47 35.12 9.41 12.79
CA LEU A 47 34.98 10.83 12.92
C LEU A 47 35.90 11.59 11.92
N LYS A 48 37.03 10.96 11.60
CA LYS A 48 37.97 11.49 10.62
C LYS A 48 37.37 11.48 9.25
N LYS A 49 36.58 10.47 8.96
CA LYS A 49 35.88 10.39 7.67
C LYS A 49 34.70 11.32 7.60
N ASN A 50 33.96 11.39 8.70
CA ASN A 50 32.72 12.20 8.80
C ASN A 50 32.57 12.80 10.22
N PRO A 51 32.94 14.10 10.41
CA PRO A 51 32.78 14.71 11.73
C PRO A 51 31.36 14.91 12.21
N GLN A 52 30.40 14.75 11.31
CA GLN A 52 29.00 14.77 11.69
C GLN A 52 28.61 13.41 12.32
N HIS A 53 29.48 12.38 12.17
CA HIS A 53 29.21 11.04 12.68
C HIS A 53 27.80 10.51 12.28
N THR A 54 27.50 10.66 11.01
CA THR A 54 26.31 10.12 10.41
C THR A 54 26.71 9.03 9.37
N VAL A 55 25.74 8.17 9.04
CA VAL A 55 25.81 7.33 7.87
C VAL A 55 24.67 7.78 6.93
N PRO A 56 24.83 7.67 5.62
CA PRO A 56 25.99 7.15 4.86
C PRO A 56 27.16 8.11 4.76
N THR A 57 28.31 7.54 4.43
CA THR A 57 29.46 8.24 3.95
C THR A 57 29.91 7.45 2.73
N LEU A 58 30.31 8.15 1.70
CA LEU A 58 30.86 7.48 0.49
C LEU A 58 32.34 7.81 0.41
N GLU A 59 33.13 6.78 0.09
CA GLU A 59 34.56 6.94 -0.18
C GLU A 59 34.82 6.56 -1.64
N GLU A 60 35.44 7.47 -2.38
CA GLU A 60 35.74 7.22 -3.78
C GLU A 60 37.20 7.53 -4.02
N ASP A 61 37.96 6.48 -4.34
CA ASP A 61 39.40 6.58 -4.46
C ASP A 61 40.01 7.45 -3.34
N GLY A 62 39.61 7.21 -2.09
CA GLY A 62 40.14 7.98 -1.01
C GLY A 62 39.42 9.29 -0.66
N HIS A 63 38.64 9.84 -1.58
CA HIS A 63 37.93 11.07 -1.28
C HIS A 63 36.62 10.71 -0.52
N LEU A 64 36.34 11.45 0.53
CA LEU A 64 35.17 11.18 1.37
C LEU A 64 34.05 12.24 1.17
N ILE A 65 32.81 11.77 0.99
CA ILE A 65 31.69 12.68 0.91
C ILE A 65 30.56 12.10 1.73
N TRP A 66 29.73 12.93 2.33
CA TRP A 66 28.59 12.40 3.05
C TRP A 66 27.30 13.14 2.76
N ASP A 67 26.21 12.66 3.39
CA ASP A 67 24.85 13.04 3.18
C ASP A 67 24.31 12.35 1.93
N SER A 68 23.29 11.55 2.13
CA SER A 68 22.66 10.74 1.07
C SER A 68 22.33 11.52 -0.18
N HIS A 69 21.76 12.75 -0.03
CA HIS A 69 21.34 13.53 -1.10
C HIS A 69 22.49 14.05 -1.95
N ALA A 70 23.56 14.44 -1.28
CA ALA A 70 24.75 14.90 -1.95
C ALA A 70 25.42 13.71 -2.66
N ILE A 71 25.44 12.59 -1.99
CA ILE A 71 26.06 11.32 -2.53
C ILE A 71 25.30 10.89 -3.77
N MET A 72 23.99 10.87 -3.67
CA MET A 72 23.13 10.44 -4.82
C MET A 72 23.30 11.33 -6.03
N ALA A 73 23.25 12.67 -5.83
CA ALA A 73 23.49 13.59 -6.90
C ALA A 73 24.92 13.37 -7.56
N TYR A 74 25.92 13.22 -6.71
CA TYR A 74 27.29 12.95 -7.12
C TYR A 74 27.34 11.64 -7.98
N LEU A 75 26.72 10.60 -7.52
CA LEU A 75 26.82 9.28 -8.21
C LEU A 75 26.21 9.37 -9.59
N VAL A 76 25.02 9.96 -9.67
CA VAL A 76 24.35 10.06 -10.97
C VAL A 76 25.16 10.95 -11.89
N SER A 77 25.62 12.13 -11.38
CA SER A 77 26.38 13.03 -12.17
C SER A 77 27.69 12.40 -12.72
N LYS A 78 28.37 11.68 -11.88
CA LYS A 78 29.69 11.15 -12.20
C LYS A 78 29.52 9.89 -13.10
N TYR A 79 28.53 9.05 -12.80
CA TYR A 79 28.42 7.64 -13.35
C TYR A 79 27.25 7.35 -14.27
N GLY A 80 26.24 8.20 -14.27
CA GLY A 80 25.05 7.96 -15.06
C GLY A 80 25.39 7.96 -16.52
N LYS A 81 24.85 6.97 -17.25
CA LYS A 81 24.99 6.90 -18.68
C LYS A 81 24.25 8.05 -19.30
N ASP A 82 23.13 8.40 -18.68
CA ASP A 82 22.46 9.65 -19.05
C ASP A 82 21.91 10.26 -17.74
N ASP A 83 21.25 11.38 -17.88
CA ASP A 83 20.85 12.17 -16.72
C ASP A 83 19.45 11.83 -16.17
N SER A 84 18.83 10.73 -16.60
CA SER A 84 17.46 10.54 -16.19
C SER A 84 17.22 10.53 -14.66
N LEU A 85 18.14 9.99 -13.91
CA LEU A 85 17.95 9.91 -12.48
C LEU A 85 18.15 11.28 -11.74
N TYR A 86 18.78 12.22 -12.43
CA TYR A 86 19.06 13.58 -11.87
C TYR A 86 19.24 14.50 -13.05
N PRO A 87 18.13 14.96 -13.66
CA PRO A 87 18.11 15.71 -14.90
C PRO A 87 18.98 16.97 -14.81
N LYS A 88 19.76 17.20 -15.86
CA LYS A 88 20.58 18.43 -15.98
C LYS A 88 19.79 19.73 -16.21
N ASP A 89 18.66 19.63 -16.87
CA ASP A 89 17.76 20.76 -17.06
C ASP A 89 17.51 21.46 -15.70
N LEU A 90 17.70 22.77 -15.66
CA LEU A 90 17.77 23.48 -14.38
C LEU A 90 16.45 23.45 -13.66
N LEU A 91 15.36 23.57 -14.42
CA LEU A 91 14.02 23.58 -13.89
C LEU A 91 13.63 22.20 -13.44
N LYS A 92 13.96 21.17 -14.23
CA LYS A 92 13.70 19.83 -13.81
C LYS A 92 14.53 19.51 -12.55
N ARG A 93 15.80 19.94 -12.57
CA ARG A 93 16.68 19.68 -11.38
C ARG A 93 16.10 20.35 -10.17
N ALA A 94 15.60 21.56 -10.32
CA ALA A 94 15.00 22.32 -9.17
C ALA A 94 13.88 21.55 -8.49
N VAL A 95 13.08 20.76 -9.26
CA VAL A 95 12.06 19.93 -8.63
C VAL A 95 12.68 18.77 -7.87
N VAL A 96 13.67 18.09 -8.49
CA VAL A 96 14.31 17.02 -7.84
C VAL A 96 14.96 17.47 -6.50
N ASP A 97 15.70 18.56 -6.59
CA ASP A 97 16.33 19.20 -5.43
C ASP A 97 15.31 19.51 -4.33
N GLN A 98 14.26 20.20 -4.67
CA GLN A 98 13.20 20.52 -3.67
C GLN A 98 12.65 19.30 -2.99
N ARG A 99 12.32 18.25 -3.78
CA ARG A 99 11.80 17.02 -3.15
C ARG A 99 12.75 16.40 -2.21
N MET A 100 14.04 16.37 -2.58
CA MET A 100 15.08 15.90 -1.64
C MET A 100 15.26 16.74 -0.40
N TYR A 101 15.21 18.05 -0.52
CA TYR A 101 15.28 18.90 0.72
C TYR A 101 14.03 18.69 1.58
N PHE A 102 12.91 18.43 0.93
CA PHE A 102 11.67 18.08 1.68
C PHE A 102 11.84 16.83 2.45
N GLU A 103 12.44 15.80 1.81
CA GLU A 103 12.69 14.56 2.50
C GLU A 103 13.59 14.79 3.67
N ALA A 104 14.67 15.54 3.44
CA ALA A 104 15.68 15.79 4.52
C ALA A 104 15.09 16.44 5.76
N GLY A 105 14.27 17.45 5.53
CA GLY A 105 13.74 18.22 6.65
C GLY A 105 12.43 17.78 7.18
N VAL A 106 11.47 17.68 6.29
CA VAL A 106 10.10 17.35 6.74
C VAL A 106 9.90 15.89 7.04
N LEU A 107 10.37 14.99 6.15
CA LEU A 107 10.11 13.56 6.32
C LEU A 107 11.12 12.95 7.34
N PHE A 108 12.40 13.12 7.04
CA PHE A 108 13.45 12.49 7.85
C PHE A 108 13.65 13.09 9.19
N GLN A 109 13.99 14.37 9.29
CA GLN A 109 14.15 14.99 10.59
C GLN A 109 12.81 15.19 11.29
N GLY A 110 11.86 15.78 10.59
CA GLY A 110 10.62 16.32 11.25
C GLY A 110 9.68 15.17 11.60
N GLY A 111 9.67 14.17 10.74
CA GLY A 111 8.80 12.97 10.89
C GLY A 111 9.48 11.83 11.61
N LEU A 112 10.58 11.34 11.07
CA LEU A 112 11.22 10.12 11.51
C LEU A 112 12.09 10.30 12.75
N ARG A 113 13.13 11.11 12.61
CA ARG A 113 14.14 11.30 13.68
C ARG A 113 13.57 11.99 14.85
N ASN A 114 12.56 12.81 14.65
CA ASN A 114 11.78 13.31 15.70
C ASN A 114 11.13 12.33 16.69
N ILE A 115 10.78 11.15 16.18
CA ILE A 115 10.30 10.06 17.00
C ILE A 115 11.44 9.08 17.35
N THR A 116 12.34 8.78 16.43
CA THR A 116 13.33 7.72 16.65
C THR A 116 14.48 8.12 17.62
N ALA A 117 14.83 9.39 17.66
CA ALA A 117 15.84 9.85 18.61
C ALA A 117 15.30 9.74 20.05
N PRO A 118 14.14 10.32 20.36
CA PRO A 118 13.62 10.09 21.71
C PRO A 118 13.42 8.60 22.05
N LEU A 119 12.99 7.83 21.04
CA LEU A 119 12.75 6.39 21.21
C LEU A 119 14.03 5.64 21.55
N PHE A 120 15.05 5.77 20.71
CA PHE A 120 16.29 4.99 20.89
C PHE A 120 17.22 5.60 21.94
N PHE A 121 17.14 6.91 22.18
CA PHE A 121 18.05 7.56 23.14
C PHE A 121 17.42 7.72 24.55
N ARG A 122 16.11 7.91 24.61
CA ARG A 122 15.39 8.21 25.86
C ARG A 122 14.28 7.24 26.15
N ASN A 123 14.23 6.15 25.41
CA ASN A 123 13.25 5.13 25.56
C ASN A 123 11.81 5.66 25.62
N GLN A 124 11.50 6.61 24.75
CA GLN A 124 10.19 7.26 24.72
C GLN A 124 9.35 6.48 23.74
N THR A 125 8.52 5.63 24.29
CA THR A 125 7.64 4.79 23.57
C THR A 125 6.22 5.39 23.37
N GLN A 126 5.94 6.50 24.05
CA GLN A 126 4.66 7.22 23.89
C GLN A 126 4.81 8.35 22.92
N ILE A 127 4.12 8.21 21.80
CA ILE A 127 4.21 9.16 20.74
C ILE A 127 3.01 10.12 20.84
N PRO A 128 3.26 11.41 20.98
CA PRO A 128 2.20 12.41 20.99
C PRO A 128 1.38 12.39 19.65
N GLN A 129 0.06 12.31 19.80
CA GLN A 129 -0.88 12.17 18.66
C GLN A 129 -0.57 13.18 17.55
N HIS A 130 -0.17 14.38 17.93
CA HIS A 130 0.19 15.41 17.01
C HIS A 130 1.45 15.12 16.13
N GLN A 131 2.28 14.21 16.57
CA GLN A 131 3.42 13.84 15.75
C GLN A 131 2.94 12.86 14.65
N ILE A 132 2.03 11.98 14.98
CA ILE A 132 1.38 11.12 14.00
C ILE A 132 0.61 11.96 13.01
N ASP A 133 -0.13 12.97 13.48
CA ASP A 133 -0.82 13.90 12.59
C ASP A 133 0.07 14.60 11.62
N SER A 134 1.23 15.01 12.10
CA SER A 134 2.20 15.69 11.29
C SER A 134 2.74 14.77 10.18
N ILE A 135 2.93 13.52 10.55
CA ILE A 135 3.34 12.49 9.55
C ILE A 135 2.29 12.38 8.47
N VAL A 136 1.04 12.27 8.90
CA VAL A 136 -0.08 12.16 7.95
C VAL A 136 -0.21 13.37 7.09
N GLU A 137 0.05 14.59 7.69
CA GLU A 137 0.07 15.78 6.91
C GLU A 137 1.14 15.69 5.79
N SER A 138 2.30 15.14 6.15
CA SER A 138 3.40 14.95 5.19
C SER A 138 3.02 13.99 4.02
N TYR A 139 2.29 12.92 4.35
CA TYR A 139 1.68 12.06 3.33
C TYR A 139 0.86 12.84 2.37
N GLY A 140 0.05 13.80 2.91
CA GLY A 140 -0.74 14.71 2.13
C GLY A 140 0.00 15.59 1.21
N PHE A 141 1.17 16.10 1.65
CA PHE A 141 2.07 16.86 0.82
C PHE A 141 2.60 15.97 -0.37
N LEU A 142 3.00 14.77 -0.03
CA LEU A 142 3.45 13.80 -1.06
C LEU A 142 2.34 13.49 -2.07
N GLU A 143 1.14 13.34 -1.55
CA GLU A 143 -0.04 13.14 -2.43
C GLU A 143 -0.19 14.31 -3.39
N SER A 144 0.01 15.57 -2.91
CA SER A 144 -0.01 16.74 -3.75
C SER A 144 1.10 16.79 -4.78
N PHE A 145 2.28 16.35 -4.41
CA PHE A 145 3.43 16.33 -5.33
C PHE A 145 3.17 15.42 -6.49
N LEU A 146 2.39 14.38 -6.22
CA LEU A 146 1.99 13.39 -7.25
C LEU A 146 0.75 13.78 -8.07
N LYS A 147 0.27 15.01 -7.94
CA LYS A 147 -1.03 15.34 -8.52
C LYS A 147 -1.00 15.17 -10.05
N ASN A 148 0.01 15.70 -10.67
CA ASN A 148 0.09 15.70 -12.12
C ASN A 148 1.20 14.82 -12.66
N ASN A 149 1.80 13.98 -11.81
CA ASN A 149 2.99 13.15 -12.20
C ASN A 149 3.04 11.87 -11.47
N LYS A 150 3.50 10.83 -12.16
CA LYS A 150 3.58 9.45 -11.60
C LYS A 150 4.74 9.24 -10.66
N TYR A 151 5.77 10.08 -10.80
CA TYR A 151 6.92 10.03 -9.86
C TYR A 151 7.06 11.35 -9.13
N MET A 152 7.86 11.34 -8.05
CA MET A 152 7.92 12.47 -7.16
C MET A 152 8.32 13.78 -7.82
N ALA A 153 9.16 13.74 -8.84
CA ALA A 153 9.70 14.93 -9.46
C ALA A 153 9.42 15.11 -10.93
N GLY A 154 8.46 14.33 -11.46
CA GLY A 154 8.11 14.44 -12.87
C GLY A 154 7.65 13.08 -13.35
N ASP A 155 7.89 12.83 -14.64
CA ASP A 155 7.29 11.65 -15.31
C ASP A 155 8.18 10.43 -15.34
N HIS A 156 9.41 10.54 -14.78
CA HIS A 156 10.29 9.39 -14.66
C HIS A 156 10.98 9.31 -13.29
N LEU A 157 11.48 8.17 -13.00
CA LEU A 157 12.13 7.84 -11.69
C LEU A 157 13.38 8.69 -11.55
N THR A 158 13.55 9.28 -10.36
CA THR A 158 14.74 10.09 -10.05
C THR A 158 15.20 9.77 -8.69
N ILE A 159 16.33 10.32 -8.32
CA ILE A 159 16.85 10.11 -6.96
C ILE A 159 15.92 10.74 -5.91
N ALA A 160 15.07 11.67 -6.31
CA ALA A 160 13.99 12.16 -5.38
C ALA A 160 13.07 11.05 -4.96
N ASP A 161 12.70 10.14 -5.89
CA ASP A 161 11.99 8.93 -5.51
C ASP A 161 12.70 8.05 -4.56
N PHE A 162 13.98 7.79 -4.81
CA PHE A 162 14.78 6.98 -3.88
C PHE A 162 14.85 7.59 -2.52
N SER A 163 15.11 8.88 -2.44
CA SER A 163 15.18 9.51 -1.15
C SER A 163 13.86 9.38 -0.35
N ILE A 164 12.76 9.73 -0.99
CA ILE A 164 11.45 9.76 -0.38
C ILE A 164 10.93 8.37 0.01
N VAL A 165 11.20 7.36 -0.80
CA VAL A 165 10.75 6.02 -0.44
C VAL A 165 11.35 5.53 0.82
N THR A 166 12.63 5.85 1.05
CA THR A 166 13.28 5.35 2.24
C THR A 166 12.67 5.86 3.51
N SER A 167 12.32 7.14 3.48
CA SER A 167 11.65 7.77 4.58
C SER A 167 10.22 7.23 4.72
N VAL A 168 9.51 7.18 3.64
CA VAL A 168 8.09 6.80 3.72
C VAL A 168 7.94 5.42 4.31
N THR A 169 8.79 4.48 3.84
CA THR A 169 8.76 3.10 4.33
C THR A 169 9.16 2.98 5.78
N SER A 170 9.84 3.98 6.34
CA SER A 170 10.22 3.98 7.69
C SER A 170 9.05 4.60 8.53
N LEU A 171 8.48 5.65 7.98
CA LEU A 171 7.34 6.37 8.63
C LEU A 171 6.11 5.45 8.82
N VAL A 172 5.90 4.56 7.84
CA VAL A 172 4.84 3.52 7.92
C VAL A 172 4.88 2.77 9.24
N ALA A 173 6.05 2.64 9.85
CA ALA A 173 6.20 1.95 11.11
C ALA A 173 5.38 2.62 12.21
N PHE A 174 5.10 3.92 12.05
CA PHE A 174 4.39 4.71 13.05
C PHE A 174 3.03 5.11 12.62
N ALA A 175 2.87 5.35 11.34
CA ALA A 175 1.66 5.82 10.77
C ALA A 175 1.32 5.12 9.44
N GLU A 176 0.31 4.24 9.48
CA GLU A 176 -0.10 3.55 8.25
C GLU A 176 -0.53 4.55 7.22
N ILE A 177 -0.37 4.22 5.93
CA ILE A 177 -0.86 5.01 4.89
C ILE A 177 -2.32 4.57 4.55
N ASP A 178 -3.25 5.51 4.69
CA ASP A 178 -4.66 5.26 4.37
C ASP A 178 -4.88 5.44 2.89
N GLN A 179 -5.08 4.31 2.19
CA GLN A 179 -5.18 4.35 0.74
C GLN A 179 -6.37 5.15 0.17
N SER A 180 -7.41 5.27 0.95
CA SER A 180 -8.55 6.06 0.53
C SER A 180 -8.25 7.57 0.62
N LYS A 181 -7.33 7.96 1.51
CA LYS A 181 -6.88 9.36 1.57
C LYS A 181 -5.70 9.68 0.65
N PHE A 182 -4.80 8.71 0.44
CA PHE A 182 -3.60 8.92 -0.35
C PHE A 182 -3.43 7.88 -1.47
N PRO A 183 -4.36 7.89 -2.46
CA PRO A 183 -4.30 6.89 -3.51
C PRO A 183 -3.09 7.00 -4.41
N LYS A 184 -2.62 8.23 -4.67
CA LYS A 184 -1.53 8.37 -5.62
C LYS A 184 -0.21 7.95 -4.98
N LEU A 185 -0.06 8.32 -3.71
CA LEU A 185 1.11 7.92 -2.93
C LEU A 185 1.19 6.36 -2.88
N SER A 186 0.02 5.78 -2.68
CA SER A 186 -0.11 4.29 -2.56
C SER A 186 0.30 3.63 -3.82
N ALA A 187 -0.17 4.14 -4.97
CA ALA A 187 0.25 3.64 -6.29
C ALA A 187 1.75 3.79 -6.52
N TRP A 188 2.24 4.97 -6.20
CA TRP A 188 3.67 5.29 -6.30
C TRP A 188 4.53 4.34 -5.52
N LEU A 189 4.17 4.02 -4.29
CA LEU A 189 4.93 3.17 -3.41
C LEU A 189 5.04 1.73 -4.05
N LYS A 190 3.94 1.27 -4.67
CA LYS A 190 3.99 -0.02 -5.46
C LYS A 190 4.90 0.01 -6.68
N SER A 191 4.95 1.16 -7.35
CA SER A 191 5.86 1.37 -8.47
C SER A 191 7.35 1.32 -8.05
N LEU A 192 7.64 1.66 -6.79
CA LEU A 192 8.92 1.48 -6.27
C LEU A 192 9.13 0.01 -5.74
N GLN A 193 8.19 -0.51 -4.95
CA GLN A 193 8.31 -1.83 -4.30
C GLN A 193 8.55 -2.95 -5.37
N SER A 194 8.34 -2.58 -6.64
CA SER A 194 8.42 -3.47 -7.79
C SER A 194 9.77 -3.48 -8.53
N LEU A 195 10.60 -2.46 -8.32
CA LEU A 195 11.90 -2.46 -9.02
C LEU A 195 12.61 -3.76 -8.64
N PRO A 196 13.38 -4.30 -9.57
CA PRO A 196 14.00 -5.61 -9.27
C PRO A 196 15.00 -5.54 -8.09
N PHE A 197 15.56 -4.36 -7.83
CA PHE A 197 16.55 -4.19 -6.78
C PHE A 197 15.96 -3.55 -5.52
N TYR A 198 14.63 -3.46 -5.47
CA TYR A 198 14.01 -2.85 -4.27
C TYR A 198 14.29 -3.58 -2.98
N GLU A 199 14.14 -4.91 -2.92
CA GLU A 199 14.32 -5.63 -1.67
C GLU A 199 15.73 -5.56 -1.13
N GLU A 200 16.71 -5.74 -2.02
CA GLU A 200 18.06 -5.73 -1.58
C GLU A 200 18.56 -4.35 -1.13
N ALA A 201 17.99 -3.31 -1.68
CA ALA A 201 18.43 -1.92 -1.42
C ALA A 201 17.60 -1.21 -0.31
N ASN A 202 16.26 -1.38 -0.37
CA ASN A 202 15.35 -0.77 0.64
C ASN A 202 14.58 -1.71 1.50
N GLY A 203 13.97 -2.74 0.90
CA GLY A 203 13.05 -3.64 1.73
C GLY A 203 13.64 -4.25 2.97
N ALA A 204 14.84 -4.83 2.84
CA ALA A 204 15.47 -5.49 3.91
C ALA A 204 15.61 -4.57 5.11
N GLY A 205 16.22 -3.41 4.91
CA GLY A 205 16.50 -2.54 6.01
C GLY A 205 15.23 -1.86 6.53
N ALA A 206 14.28 -1.61 5.64
CA ALA A 206 12.99 -1.04 6.04
C ALA A 206 12.34 -2.02 6.99
N LYS A 207 12.31 -3.32 6.65
CA LYS A 207 11.79 -4.31 7.57
C LYS A 207 12.50 -4.40 8.89
N GLN A 208 13.86 -4.35 8.88
CA GLN A 208 14.62 -4.41 10.06
C GLN A 208 14.23 -3.24 11.00
N LEU A 209 14.05 -2.05 10.41
CA LEU A 209 13.72 -0.87 11.24
C LEU A 209 12.31 -1.07 11.84
N VAL A 210 11.39 -1.52 11.01
CA VAL A 210 10.05 -1.89 11.51
C VAL A 210 10.06 -2.85 12.66
N ALA A 211 10.87 -3.89 12.58
CA ALA A 211 10.95 -4.89 13.62
C ALA A 211 11.55 -4.25 14.87
N MET A 212 12.53 -3.36 14.68
CA MET A 212 13.16 -2.73 15.88
C MET A 212 12.12 -1.87 16.57
N VAL A 213 11.36 -1.13 15.76
CA VAL A 213 10.29 -0.25 16.25
C VAL A 213 9.22 -1.08 16.97
N LYS A 214 8.81 -2.20 16.40
CA LYS A 214 7.82 -3.08 17.01
C LYS A 214 8.26 -3.70 18.34
N SER A 215 9.52 -4.09 18.44
CA SER A 215 10.03 -4.70 19.66
C SER A 215 10.07 -3.73 20.83
N LYS A 216 9.86 -2.43 20.56
CA LYS A 216 9.91 -1.40 21.61
C LYS A 216 8.52 -1.19 22.23
N ASN A 217 7.52 -1.80 21.62
CA ASN A 217 6.10 -1.75 22.06
C ASN A 217 5.56 -0.34 22.25
N LEU A 218 5.36 0.35 21.14
CA LEU A 218 4.98 1.75 21.15
C LEU A 218 3.52 1.90 21.50
N THR A 219 3.15 3.14 21.78
CA THR A 219 1.79 3.54 22.04
C THR A 219 1.61 4.99 21.61
N ILE A 220 0.38 5.38 21.25
CA ILE A 220 0.10 6.77 20.83
C ILE A 220 -0.63 7.61 21.90
N LYS B 3 -14.23 -45.63 -12.02
CA LYS B 3 -15.68 -45.64 -11.70
C LYS B 3 -16.03 -44.44 -10.85
N LEU B 4 -17.10 -43.78 -11.35
CA LEU B 4 -17.50 -42.49 -10.74
C LEU B 4 -18.74 -42.69 -9.89
N VAL B 5 -18.74 -42.03 -8.72
CA VAL B 5 -19.85 -41.97 -7.84
C VAL B 5 -20.07 -40.49 -7.51
N LEU B 6 -21.29 -40.03 -7.69
CA LEU B 6 -21.69 -38.68 -7.23
C LEU B 6 -22.64 -38.82 -6.08
N TYR B 7 -22.34 -38.09 -4.98
CA TYR B 7 -23.20 -38.07 -3.82
C TYR B 7 -23.97 -36.75 -3.87
N GLY B 8 -25.28 -36.81 -3.73
CA GLY B 8 -26.08 -35.60 -3.70
C GLY B 8 -27.55 -35.86 -3.53
N ILE B 9 -28.34 -34.80 -3.80
CA ILE B 9 -29.81 -34.82 -3.77
C ILE B 9 -30.25 -33.86 -4.84
N ASP B 10 -31.36 -34.13 -5.53
CA ASP B 10 -31.65 -33.35 -6.72
C ASP B 10 -31.99 -31.86 -6.48
N PRO B 11 -32.60 -31.50 -5.35
CA PRO B 11 -32.91 -30.08 -5.14
C PRO B 11 -31.67 -29.18 -4.99
N SER B 12 -30.48 -29.77 -4.75
CA SER B 12 -29.27 -28.95 -4.53
C SER B 12 -28.74 -28.42 -5.86
N PRO B 13 -28.62 -27.10 -6.00
CA PRO B 13 -28.01 -26.55 -7.30
C PRO B 13 -26.62 -27.09 -7.60
N PRO B 14 -25.64 -27.12 -6.63
CA PRO B 14 -24.34 -27.55 -7.06
C PRO B 14 -24.30 -29.06 -7.46
N VAL B 15 -25.19 -29.87 -6.88
CA VAL B 15 -25.41 -31.28 -7.31
C VAL B 15 -25.87 -31.29 -8.79
N ARG B 16 -26.92 -30.56 -9.05
CA ARG B 16 -27.43 -30.37 -10.43
C ARG B 16 -26.39 -29.93 -11.42
N ALA B 17 -25.45 -29.05 -11.01
CA ALA B 17 -24.41 -28.61 -11.91
C ALA B 17 -23.53 -29.78 -12.34
N CYS B 18 -23.21 -30.64 -11.38
CA CYS B 18 -22.42 -31.85 -11.66
C CYS B 18 -23.22 -32.80 -12.55
N LEU B 19 -24.47 -32.93 -12.28
CA LEU B 19 -25.40 -33.80 -13.15
C LEU B 19 -25.40 -33.31 -14.54
N LEU B 20 -25.54 -31.98 -14.76
CA LEU B 20 -25.44 -31.42 -16.10
C LEU B 20 -24.15 -31.73 -16.77
N THR B 21 -23.02 -31.63 -16.07
CA THR B 21 -21.72 -31.87 -16.61
C THR B 21 -21.43 -33.32 -16.95
N LEU B 22 -21.81 -34.23 -16.05
CA LEU B 22 -21.73 -35.67 -16.26
C LEU B 22 -22.49 -36.06 -17.53
N LYS B 23 -23.67 -35.50 -17.70
CA LYS B 23 -24.51 -35.83 -18.88
C LYS B 23 -23.95 -35.26 -20.13
N ALA B 24 -23.44 -34.01 -20.05
CA ALA B 24 -22.80 -33.37 -21.16
C ALA B 24 -21.61 -34.13 -21.67
N LEU B 25 -20.85 -34.76 -20.78
CA LEU B 25 -19.66 -35.49 -21.14
C LEU B 25 -19.99 -36.99 -21.43
N ASN B 26 -21.24 -37.35 -21.22
CA ASN B 26 -21.77 -38.68 -21.38
C ASN B 26 -21.02 -39.70 -20.58
N LEU B 27 -20.80 -39.40 -19.28
CA LEU B 27 -20.09 -40.30 -18.37
C LEU B 27 -21.00 -41.12 -17.55
N PRO B 28 -20.79 -42.43 -17.54
CA PRO B 28 -21.49 -43.29 -16.59
C PRO B 28 -21.05 -42.97 -15.17
N PHE B 29 -22.02 -42.93 -14.27
CA PHE B 29 -21.75 -42.79 -12.88
C PHE B 29 -22.84 -43.36 -12.06
N GLU B 30 -22.54 -43.63 -10.80
CA GLU B 30 -23.49 -44.03 -9.83
C GLU B 30 -23.92 -42.79 -9.03
N TYR B 31 -25.20 -42.65 -8.82
CA TYR B 31 -25.75 -41.51 -8.07
C TYR B 31 -26.21 -42.03 -6.72
N LYS B 32 -25.46 -41.67 -5.69
CA LYS B 32 -25.76 -42.06 -4.35
C LYS B 32 -26.49 -40.90 -3.68
N VAL B 33 -27.70 -41.15 -3.22
CA VAL B 33 -28.53 -40.11 -2.57
C VAL B 33 -28.11 -39.87 -1.14
N VAL B 34 -27.75 -38.59 -0.84
CA VAL B 34 -27.44 -38.23 0.47
C VAL B 34 -28.47 -37.16 0.89
N ASN B 35 -29.45 -37.61 1.66
CA ASN B 35 -30.61 -36.84 1.98
C ASN B 35 -30.34 -35.85 3.14
N LEU B 36 -30.14 -34.58 2.78
CA LEU B 36 -29.81 -33.51 3.72
C LEU B 36 -30.95 -33.32 4.76
N PHE B 37 -32.18 -33.50 4.27
CA PHE B 37 -33.37 -33.36 5.12
C PHE B 37 -33.45 -34.46 6.16
N ALA B 38 -32.86 -35.60 5.89
CA ALA B 38 -32.73 -36.67 6.85
C ALA B 38 -31.37 -36.60 7.59
N LYS B 39 -30.58 -35.52 7.33
CA LYS B 39 -29.27 -35.34 7.89
C LYS B 39 -28.27 -36.49 7.62
N GLU B 40 -28.42 -37.12 6.47
CA GLU B 40 -27.46 -38.20 6.02
C GLU B 40 -26.05 -37.66 5.75
N HIS B 41 -25.90 -36.33 5.62
CA HIS B 41 -24.59 -35.72 5.39
C HIS B 41 -23.83 -35.50 6.67
N LEU B 42 -24.46 -35.77 7.84
CA LEU B 42 -23.87 -35.53 9.11
C LEU B 42 -23.39 -36.83 9.83
N SER B 43 -23.56 -37.94 9.14
CA SER B 43 -23.06 -39.24 9.63
C SER B 43 -21.51 -39.31 9.65
N GLU B 44 -20.92 -40.10 10.56
CA GLU B 44 -19.48 -40.30 10.52
C GLU B 44 -18.94 -40.68 9.19
N GLU B 45 -19.66 -41.60 8.51
CA GLU B 45 -19.29 -42.11 7.18
C GLU B 45 -19.17 -40.96 6.18
N TYR B 46 -20.19 -40.09 6.13
CA TYR B 46 -20.12 -38.97 5.19
C TYR B 46 -19.07 -37.94 5.55
N LEU B 47 -18.91 -37.65 6.84
CA LEU B 47 -17.95 -36.67 7.27
C LEU B 47 -16.51 -37.10 6.90
N LYS B 48 -16.28 -38.42 6.87
CA LYS B 48 -15.01 -38.97 6.41
C LYS B 48 -14.76 -38.70 4.97
N LYS B 49 -15.80 -38.70 4.16
CA LYS B 49 -15.70 -38.37 2.73
C LYS B 49 -15.55 -36.88 2.52
N ASN B 50 -16.33 -36.09 3.28
CA ASN B 50 -16.38 -34.66 3.16
C ASN B 50 -16.59 -34.00 4.53
N PRO B 51 -15.50 -33.46 5.16
CA PRO B 51 -15.66 -32.84 6.43
C PRO B 51 -16.44 -31.53 6.44
N GLN B 52 -16.64 -30.95 5.27
CA GLN B 52 -17.51 -29.80 5.15
C GLN B 52 -19.01 -30.20 5.21
N HIS B 53 -19.28 -31.52 5.10
CA HIS B 53 -20.63 -32.07 5.08
C HIS B 53 -21.55 -31.33 4.09
N THR B 54 -21.06 -31.17 2.88
CA THR B 54 -21.84 -30.63 1.79
C THR B 54 -22.05 -31.70 0.73
N VAL B 55 -23.04 -31.47 -0.14
CA VAL B 55 -23.15 -32.18 -1.37
C VAL B 55 -23.00 -31.14 -2.48
N PRO B 56 -22.44 -31.50 -3.63
CA PRO B 56 -21.95 -32.83 -4.07
C PRO B 56 -20.56 -33.20 -3.54
N THR B 57 -20.29 -34.50 -3.54
CA THR B 57 -18.98 -35.04 -3.43
C THR B 57 -18.86 -36.02 -4.57
N LEU B 58 -17.67 -36.10 -5.17
CA LEU B 58 -17.37 -37.05 -6.22
C LEU B 58 -16.35 -38.05 -5.71
N GLU B 59 -16.61 -39.32 -5.99
CA GLU B 59 -15.65 -40.40 -5.69
C GLU B 59 -15.20 -41.01 -7.02
N GLU B 60 -13.90 -41.05 -7.24
CA GLU B 60 -13.36 -41.64 -8.44
C GLU B 60 -12.27 -42.64 -8.03
N ASP B 61 -12.56 -43.89 -8.33
CA ASP B 61 -11.70 -44.98 -7.89
C ASP B 61 -11.23 -44.83 -6.43
N GLY B 62 -12.15 -44.50 -5.54
CA GLY B 62 -11.78 -44.34 -4.14
C GLY B 62 -11.26 -42.96 -3.76
N HIS B 63 -10.93 -42.12 -4.75
CA HIS B 63 -10.44 -40.78 -4.45
C HIS B 63 -11.65 -39.83 -4.31
N LEU B 64 -11.65 -39.02 -3.28
CA LEU B 64 -12.79 -38.16 -2.95
C LEU B 64 -12.47 -36.69 -3.24
N ILE B 65 -13.36 -36.01 -3.96
CA ILE B 65 -13.20 -34.55 -4.16
C ILE B 65 -14.56 -33.92 -3.97
N TRP B 66 -14.59 -32.68 -3.52
CA TRP B 66 -15.89 -31.99 -3.41
C TRP B 66 -15.88 -30.59 -3.93
N ASP B 67 -17.06 -29.97 -3.95
CA ASP B 67 -17.35 -28.66 -4.47
C ASP B 67 -17.61 -28.79 -5.96
N SER B 68 -18.82 -28.40 -6.32
CA SER B 68 -19.31 -28.59 -7.68
C SER B 68 -18.36 -28.01 -8.74
N HIS B 69 -17.75 -26.84 -8.46
CA HIS B 69 -16.93 -26.17 -9.39
C HIS B 69 -15.60 -26.83 -9.61
N ALA B 70 -15.05 -27.35 -8.53
CA ALA B 70 -13.84 -28.15 -8.60
C ALA B 70 -14.11 -29.46 -9.33
N ILE B 71 -15.23 -30.05 -9.03
CA ILE B 71 -15.65 -31.37 -9.60
C ILE B 71 -15.84 -31.20 -11.09
N MET B 72 -16.56 -30.17 -11.50
CA MET B 72 -16.83 -29.88 -12.94
C MET B 72 -15.57 -29.63 -13.73
N ALA B 73 -14.67 -28.79 -13.20
CA ALA B 73 -13.39 -28.59 -13.82
C ALA B 73 -12.55 -29.92 -13.97
N TYR B 74 -12.53 -30.71 -12.90
CA TYR B 74 -11.89 -32.00 -12.86
C TYR B 74 -12.47 -32.90 -13.97
N LEU B 75 -13.77 -32.97 -14.07
CA LEU B 75 -14.41 -33.95 -14.99
C LEU B 75 -14.07 -33.59 -16.42
N VAL B 76 -14.20 -32.30 -16.76
CA VAL B 76 -13.90 -31.89 -18.13
C VAL B 76 -12.45 -32.11 -18.44
N SER B 77 -11.54 -31.69 -17.53
CA SER B 77 -10.15 -31.86 -17.73
C SER B 77 -9.75 -33.34 -17.92
N LYS B 78 -10.28 -34.20 -17.11
CA LYS B 78 -9.93 -35.64 -17.11
C LYS B 78 -10.58 -36.37 -18.28
N TYR B 79 -11.83 -36.04 -18.57
CA TYR B 79 -12.72 -36.85 -19.50
C TYR B 79 -13.11 -36.23 -20.80
N GLY B 80 -13.02 -34.92 -20.92
CA GLY B 80 -13.44 -34.23 -22.13
C GLY B 80 -12.66 -34.69 -23.35
N LYS B 81 -13.38 -34.97 -24.44
CA LYS B 81 -12.78 -35.30 -25.71
C LYS B 81 -12.04 -34.08 -26.21
N ASP B 82 -12.61 -32.91 -25.96
CA ASP B 82 -11.86 -31.68 -26.20
C ASP B 82 -12.18 -30.68 -25.03
N ASP B 83 -11.61 -29.50 -25.12
CA ASP B 83 -11.70 -28.55 -23.95
C ASP B 83 -12.88 -27.60 -24.04
N SER B 84 -13.85 -27.85 -24.92
CA SER B 84 -14.90 -26.83 -25.09
C SER B 84 -15.63 -26.41 -23.81
N LEU B 85 -15.90 -27.37 -22.94
CA LEU B 85 -16.66 -27.11 -21.75
C LEU B 85 -15.81 -26.34 -20.68
N TYR B 86 -14.50 -26.38 -20.83
CA TYR B 86 -13.58 -25.71 -19.87
C TYR B 86 -12.28 -25.47 -20.63
N PRO B 87 -12.25 -24.40 -21.46
CA PRO B 87 -11.16 -24.08 -22.34
C PRO B 87 -9.82 -23.98 -21.63
N LYS B 88 -8.80 -24.58 -22.23
CA LYS B 88 -7.41 -24.53 -21.69
C LYS B 88 -6.70 -23.19 -21.84
N ASP B 89 -7.05 -22.44 -22.86
CA ASP B 89 -6.55 -21.08 -23.06
C ASP B 89 -6.73 -20.26 -21.76
N LEU B 90 -5.66 -19.65 -21.30
CA LEU B 90 -5.64 -19.09 -19.95
C LEU B 90 -6.63 -17.97 -19.76
N LEU B 91 -6.74 -17.09 -20.75
CA LEU B 91 -7.65 -16.00 -20.72
C LEU B 91 -9.09 -16.47 -20.83
N LYS B 92 -9.38 -17.45 -21.69
CA LYS B 92 -10.72 -17.97 -21.81
C LYS B 92 -11.10 -18.70 -20.47
N ARG B 93 -10.14 -19.44 -19.94
CA ARG B 93 -10.36 -20.13 -18.63
C ARG B 93 -10.63 -19.10 -17.55
N ALA B 94 -9.90 -18.00 -17.57
CA ALA B 94 -10.07 -16.95 -16.52
C ALA B 94 -11.50 -16.41 -16.51
N VAL B 95 -12.17 -16.37 -17.69
CA VAL B 95 -13.60 -15.99 -17.69
C VAL B 95 -14.49 -17.05 -17.09
N VAL B 96 -14.28 -18.33 -17.45
CA VAL B 96 -15.07 -19.37 -16.91
C VAL B 96 -14.92 -19.45 -15.39
N ASP B 97 -13.67 -19.35 -14.94
CA ASP B 97 -13.36 -19.35 -13.53
C ASP B 97 -14.12 -18.22 -12.80
N GLN B 98 -13.98 -17.01 -13.29
CA GLN B 98 -14.69 -15.86 -12.65
C GLN B 98 -16.16 -16.04 -12.57
N ARG B 99 -16.80 -16.51 -13.68
CA ARG B 99 -18.24 -16.75 -13.65
C ARG B 99 -18.61 -17.78 -12.61
N MET B 100 -17.82 -18.83 -12.49
CA MET B 100 -18.06 -19.85 -11.42
C MET B 100 -17.88 -19.31 -10.03
N TYR B 101 -16.85 -18.54 -9.76
CA TYR B 101 -16.71 -17.92 -8.44
C TYR B 101 -17.85 -16.94 -8.15
N PHE B 102 -18.33 -16.31 -9.19
CA PHE B 102 -19.52 -15.40 -9.08
C PHE B 102 -20.70 -16.19 -8.65
N GLU B 103 -20.90 -17.38 -9.28
CA GLU B 103 -21.99 -18.23 -8.89
C GLU B 103 -21.86 -18.65 -7.45
N ALA B 104 -20.67 -19.08 -7.04
CA ALA B 104 -20.41 -19.55 -5.64
C ALA B 104 -20.75 -18.54 -4.59
N GLY B 105 -20.28 -17.33 -4.81
CA GLY B 105 -20.44 -16.30 -3.79
C GLY B 105 -21.68 -15.49 -3.94
N VAL B 106 -21.88 -14.90 -5.10
CA VAL B 106 -22.98 -13.93 -5.25
C VAL B 106 -24.32 -14.62 -5.40
N LEU B 107 -24.39 -15.61 -6.28
CA LEU B 107 -25.67 -16.27 -6.57
C LEU B 107 -26.04 -17.28 -5.47
N PHE B 108 -25.15 -18.23 -5.25
CA PHE B 108 -25.43 -19.34 -4.34
C PHE B 108 -25.44 -18.96 -2.94
N GLN B 109 -24.32 -18.43 -2.42
CA GLN B 109 -24.33 -18.05 -1.00
C GLN B 109 -25.13 -16.76 -0.76
N GLY B 110 -24.85 -15.73 -1.52
CA GLY B 110 -25.36 -14.38 -1.29
C GLY B 110 -26.84 -14.27 -1.62
N GLY B 111 -27.26 -15.01 -2.63
CA GLY B 111 -28.68 -14.98 -3.07
C GLY B 111 -29.52 -16.12 -2.52
N LEU B 112 -29.10 -17.33 -2.75
CA LEU B 112 -29.89 -18.51 -2.45
C LEU B 112 -29.81 -18.93 -0.97
N ARG B 113 -28.64 -19.31 -0.55
CA ARG B 113 -28.43 -19.86 0.81
C ARG B 113 -28.69 -18.82 1.86
N ASN B 114 -28.52 -17.57 1.51
CA ASN B 114 -28.95 -16.48 2.31
C ASN B 114 -30.42 -16.45 2.72
N ILE B 115 -31.28 -16.95 1.84
CA ILE B 115 -32.68 -17.13 2.11
C ILE B 115 -32.98 -18.58 2.59
N THR B 116 -32.39 -19.57 1.99
CA THR B 116 -32.80 -20.94 2.28
C THR B 116 -32.33 -21.47 3.65
N ALA B 117 -31.21 -20.99 4.12
CA ALA B 117 -30.72 -21.40 5.46
C ALA B 117 -31.65 -20.87 6.54
N PRO B 118 -31.96 -19.55 6.55
CA PRO B 118 -32.96 -19.14 7.54
C PRO B 118 -34.33 -19.82 7.34
N LEU B 119 -34.71 -20.04 6.09
CA LEU B 119 -35.98 -20.68 5.79
C LEU B 119 -36.04 -22.10 6.36
N PHE B 120 -35.06 -22.93 6.03
CA PHE B 120 -35.12 -24.32 6.38
C PHE B 120 -34.64 -24.57 7.82
N PHE B 121 -33.78 -23.70 8.34
CA PHE B 121 -33.23 -23.92 9.70
C PHE B 121 -34.00 -23.13 10.80
N ARG B 122 -34.56 -21.98 10.44
CA ARG B 122 -35.22 -21.07 11.37
C ARG B 122 -36.62 -20.73 11.01
N ASN B 123 -37.20 -21.47 10.06
CA ASN B 123 -38.52 -21.27 9.58
C ASN B 123 -38.85 -19.79 9.28
N GLN B 124 -37.91 -19.08 8.67
CA GLN B 124 -38.07 -17.66 8.41
C GLN B 124 -38.68 -17.57 6.99
N THR B 125 -39.97 -17.38 6.97
CA THR B 125 -40.73 -17.29 5.74
C THR B 125 -40.96 -15.85 5.24
N GLN B 126 -40.69 -14.85 6.06
CA GLN B 126 -40.75 -13.43 5.63
C GLN B 126 -39.41 -13.02 5.11
N ILE B 127 -39.38 -12.69 3.83
CA ILE B 127 -38.15 -12.35 3.13
C ILE B 127 -38.07 -10.83 2.95
N PRO B 128 -37.03 -10.19 3.45
CA PRO B 128 -36.88 -8.76 3.33
C PRO B 128 -36.56 -8.29 1.87
N GLN B 129 -36.97 -7.06 1.57
CA GLN B 129 -36.86 -6.49 0.21
C GLN B 129 -35.45 -6.33 -0.24
N HIS B 130 -34.55 -5.98 0.66
CA HIS B 130 -33.16 -5.87 0.28
C HIS B 130 -32.61 -7.18 -0.32
N GLN B 131 -33.19 -8.30 0.06
CA GLN B 131 -32.73 -9.63 -0.39
C GLN B 131 -33.24 -9.93 -1.79
N ILE B 132 -34.50 -9.66 -2.05
CA ILE B 132 -35.09 -9.79 -3.37
C ILE B 132 -34.44 -8.82 -4.33
N ASP B 133 -34.25 -7.57 -3.89
CA ASP B 133 -33.53 -6.58 -4.67
C ASP B 133 -32.16 -7.01 -5.07
N SER B 134 -31.46 -7.62 -4.13
CA SER B 134 -30.12 -8.11 -4.34
C SER B 134 -30.08 -9.21 -5.38
N ILE B 135 -31.07 -10.07 -5.31
CA ILE B 135 -31.21 -11.15 -6.34
C ILE B 135 -31.38 -10.50 -7.71
N VAL B 136 -32.26 -9.51 -7.80
CA VAL B 136 -32.52 -8.84 -9.07
C VAL B 136 -31.32 -8.12 -9.57
N GLU B 137 -30.50 -7.52 -8.64
CA GLU B 137 -29.27 -6.91 -9.01
C GLU B 137 -28.33 -7.97 -9.66
N SER B 138 -28.30 -9.16 -9.07
CA SER B 138 -27.52 -10.27 -9.63
C SER B 138 -27.94 -10.70 -11.05
N TYR B 139 -29.25 -10.73 -11.28
CA TYR B 139 -29.78 -10.89 -12.65
C TYR B 139 -29.20 -9.89 -13.58
N GLY B 140 -29.11 -8.62 -13.12
CA GLY B 140 -28.52 -7.55 -13.88
C GLY B 140 -27.09 -7.73 -14.20
N PHE B 141 -26.31 -8.29 -13.25
CA PHE B 141 -24.93 -8.65 -13.48
C PHE B 141 -24.85 -9.75 -14.56
N LEU B 142 -25.71 -10.73 -14.44
CA LEU B 142 -25.77 -11.81 -15.48
C LEU B 142 -26.10 -11.23 -16.86
N GLU B 143 -27.06 -10.32 -16.87
CA GLU B 143 -27.44 -9.59 -18.13
C GLU B 143 -26.22 -8.91 -18.71
N SER B 144 -25.40 -8.25 -17.87
CA SER B 144 -24.15 -7.68 -18.32
C SER B 144 -23.12 -8.67 -18.85
N PHE B 145 -23.00 -9.83 -18.21
CA PHE B 145 -22.06 -10.86 -18.67
C PHE B 145 -22.40 -11.36 -20.08
N LEU B 146 -23.68 -11.35 -20.40
CA LEU B 146 -24.22 -11.73 -21.70
C LEU B 146 -24.22 -10.59 -22.74
N LYS B 147 -23.61 -9.45 -22.44
CA LYS B 147 -23.75 -8.30 -23.34
C LYS B 147 -23.20 -8.60 -24.76
N ASN B 148 -22.02 -9.19 -24.83
CA ASN B 148 -21.42 -9.45 -26.10
C ASN B 148 -21.26 -10.93 -26.41
N ASN B 149 -21.94 -11.78 -25.66
CA ASN B 149 -21.80 -13.26 -25.80
C ASN B 149 -23.05 -13.99 -25.50
N LYS B 150 -23.27 -15.07 -26.25
CA LYS B 150 -24.49 -15.90 -26.16
C LYS B 150 -24.51 -16.81 -24.92
N TYR B 151 -23.32 -17.12 -24.41
CA TYR B 151 -23.19 -17.95 -23.20
C TYR B 151 -22.45 -17.19 -22.12
N MET B 152 -22.48 -17.70 -20.92
CA MET B 152 -21.99 -16.90 -19.77
C MET B 152 -20.50 -16.56 -19.90
N ALA B 153 -19.71 -17.39 -20.55
CA ALA B 153 -18.28 -17.19 -20.60
C ALA B 153 -17.66 -16.98 -21.97
N GLY B 154 -18.49 -16.71 -22.97
CA GLY B 154 -17.99 -16.60 -24.32
C GLY B 154 -19.05 -17.16 -25.26
N ASP B 155 -18.59 -17.66 -26.42
CA ASP B 155 -19.50 -18.00 -27.55
C ASP B 155 -19.97 -19.45 -27.60
N HIS B 156 -19.57 -20.26 -26.59
CA HIS B 156 -20.04 -21.64 -26.49
C HIS B 156 -20.28 -22.06 -25.05
N LEU B 157 -20.99 -23.12 -24.92
CA LEU B 157 -21.44 -23.67 -23.63
C LEU B 157 -20.24 -24.13 -22.84
N THR B 158 -20.21 -23.74 -21.55
CA THR B 158 -19.13 -24.17 -20.62
C THR B 158 -19.74 -24.51 -19.33
N ILE B 159 -18.91 -25.05 -18.45
CA ILE B 159 -19.35 -25.44 -17.12
C ILE B 159 -19.78 -24.18 -16.34
N ALA B 160 -19.34 -22.99 -16.79
CA ALA B 160 -19.87 -21.71 -16.20
C ALA B 160 -21.38 -21.58 -16.41
N ASP B 161 -21.86 -21.96 -17.57
CA ASP B 161 -23.29 -22.05 -17.81
C ASP B 161 -23.98 -23.05 -16.93
N PHE B 162 -23.42 -24.24 -16.80
CA PHE B 162 -24.03 -25.25 -15.92
C PHE B 162 -24.10 -24.77 -14.52
N SER B 163 -23.03 -24.16 -14.01
CA SER B 163 -23.04 -23.68 -12.66
C SER B 163 -24.14 -22.62 -12.44
N ILE B 164 -24.16 -21.64 -13.33
CA ILE B 164 -25.05 -20.51 -13.17
C ILE B 164 -26.50 -20.89 -13.37
N VAL B 165 -26.82 -21.76 -14.31
CA VAL B 165 -28.23 -22.17 -14.47
C VAL B 165 -28.80 -22.79 -13.24
N THR B 166 -28.00 -23.57 -12.52
CA THR B 166 -28.57 -24.24 -11.37
C THR B 166 -29.03 -23.30 -10.30
N SER B 167 -28.23 -22.26 -10.06
CA SER B 167 -28.55 -21.18 -9.19
C SER B 167 -29.74 -20.34 -9.69
N VAL B 168 -29.70 -19.93 -10.93
CA VAL B 168 -30.71 -19.03 -11.45
C VAL B 168 -32.08 -19.70 -11.32
N THR B 169 -32.17 -20.98 -11.72
CA THR B 169 -33.40 -21.73 -11.66
C THR B 169 -33.92 -21.94 -10.22
N SER B 170 -33.06 -21.78 -9.23
CA SER B 170 -33.41 -21.88 -7.89
C SER B 170 -33.87 -20.47 -7.39
N LEU B 171 -33.18 -19.46 -7.85
CA LEU B 171 -33.45 -18.07 -7.43
C LEU B 171 -34.83 -17.62 -7.93
N VAL B 172 -35.21 -18.13 -9.09
CA VAL B 172 -36.56 -17.89 -9.65
C VAL B 172 -37.66 -18.21 -8.65
N ALA B 173 -37.44 -19.15 -7.75
CA ALA B 173 -38.43 -19.51 -6.74
C ALA B 173 -38.80 -18.30 -5.88
N PHE B 174 -37.87 -17.35 -5.75
CA PHE B 174 -38.01 -16.18 -4.92
C PHE B 174 -38.21 -14.89 -5.65
N ALA B 175 -37.63 -14.81 -6.83
CA ALA B 175 -37.67 -13.62 -7.60
C ALA B 175 -37.78 -13.94 -9.09
N GLU B 176 -38.96 -13.65 -9.64
CA GLU B 176 -39.21 -13.92 -11.06
C GLU B 176 -38.28 -13.11 -11.88
N ILE B 177 -37.87 -13.61 -13.05
CA ILE B 177 -37.11 -12.88 -13.97
C ILE B 177 -38.00 -12.03 -14.93
N ASP B 178 -37.82 -10.73 -14.89
CA ASP B 178 -38.59 -9.79 -15.71
C ASP B 178 -37.95 -9.72 -17.06
N GLN B 179 -38.60 -10.32 -18.07
CA GLN B 179 -37.97 -10.40 -19.40
C GLN B 179 -37.74 -9.06 -20.13
N SER B 180 -38.52 -8.05 -19.73
CA SER B 180 -38.33 -6.71 -20.31
C SER B 180 -37.05 -6.05 -19.76
N LYS B 181 -36.63 -6.46 -18.55
CA LYS B 181 -35.38 -5.98 -17.95
C LYS B 181 -34.15 -6.84 -18.27
N PHE B 182 -34.34 -8.16 -18.38
CA PHE B 182 -33.26 -9.11 -18.63
C PHE B 182 -33.56 -10.01 -19.84
N PRO B 183 -33.60 -9.40 -21.06
CA PRO B 183 -33.89 -10.19 -22.26
C PRO B 183 -32.80 -11.19 -22.62
N LYS B 184 -31.52 -10.84 -22.38
CA LYS B 184 -30.44 -11.73 -22.77
C LYS B 184 -30.37 -12.93 -21.84
N LEU B 185 -30.55 -12.67 -20.55
CA LEU B 185 -30.59 -13.72 -19.54
C LEU B 185 -31.76 -14.72 -19.88
N SER B 186 -32.90 -14.13 -20.21
CA SER B 186 -34.12 -14.92 -20.62
C SER B 186 -33.87 -15.77 -21.77
N ALA B 187 -33.24 -15.26 -22.82
CA ALA B 187 -32.88 -16.04 -23.98
C ALA B 187 -31.91 -17.15 -23.65
N TRP B 188 -30.89 -16.81 -22.87
CA TRP B 188 -29.90 -17.77 -22.42
C TRP B 188 -30.53 -18.90 -21.63
N LEU B 189 -31.47 -18.63 -20.71
CA LEU B 189 -32.11 -19.63 -19.90
C LEU B 189 -32.86 -20.67 -20.82
N LYS B 190 -33.44 -20.16 -21.94
CA LYS B 190 -34.08 -21.10 -22.95
C LYS B 190 -33.08 -21.94 -23.73
N SER B 191 -31.90 -21.39 -23.96
CA SER B 191 -30.85 -22.09 -24.61
C SER B 191 -30.33 -23.29 -23.74
N LEU B 192 -30.44 -23.14 -22.42
CA LEU B 192 -30.16 -24.23 -21.53
C LEU B 192 -31.39 -25.21 -21.38
N GLN B 193 -32.58 -24.66 -21.18
CA GLN B 193 -33.79 -25.43 -20.91
C GLN B 193 -34.08 -26.44 -22.04
N SER B 194 -33.43 -26.19 -23.18
CA SER B 194 -33.61 -27.01 -24.39
C SER B 194 -32.60 -28.13 -24.57
N LEU B 195 -31.54 -28.15 -23.75
CA LEU B 195 -30.53 -29.21 -23.90
C LEU B 195 -31.29 -30.53 -23.68
N PRO B 196 -30.90 -31.55 -24.44
CA PRO B 196 -31.68 -32.80 -24.36
C PRO B 196 -31.64 -33.38 -22.93
N PHE B 197 -30.55 -33.13 -22.20
CA PHE B 197 -30.37 -33.71 -20.83
C PHE B 197 -30.73 -32.70 -19.75
N TYR B 198 -31.36 -31.58 -20.13
CA TYR B 198 -31.69 -30.53 -19.11
C TYR B 198 -32.64 -31.02 -18.04
N GLU B 199 -33.74 -31.69 -18.41
CA GLU B 199 -34.71 -32.12 -17.42
C GLU B 199 -34.17 -33.12 -16.43
N GLU B 200 -33.43 -34.13 -16.89
CA GLU B 200 -32.94 -35.17 -16.01
C GLU B 200 -31.85 -34.64 -15.05
N ALA B 201 -31.14 -33.65 -15.48
CA ALA B 201 -29.97 -33.11 -14.73
C ALA B 201 -30.34 -31.90 -13.87
N ASN B 202 -31.09 -30.95 -14.45
CA ASN B 202 -31.50 -29.73 -13.71
C ASN B 202 -32.98 -29.55 -13.45
N GLY B 203 -33.83 -29.77 -14.45
CA GLY B 203 -35.31 -29.47 -14.26
C GLY B 203 -35.97 -30.11 -13.09
N ALA B 204 -35.76 -31.42 -12.93
CA ALA B 204 -36.43 -32.16 -11.91
C ALA B 204 -36.15 -31.59 -10.55
N GLY B 205 -34.85 -31.43 -10.24
CA GLY B 205 -34.47 -30.97 -8.93
C GLY B 205 -34.83 -29.52 -8.71
N ALA B 206 -34.74 -28.73 -9.77
CA ALA B 206 -35.16 -27.30 -9.70
C ALA B 206 -36.62 -27.25 -9.30
N LYS B 207 -37.46 -28.07 -9.97
CA LYS B 207 -38.86 -28.14 -9.60
C LYS B 207 -39.12 -28.60 -8.18
N GLN B 208 -38.36 -29.60 -7.69
CA GLN B 208 -38.52 -30.07 -6.37
C GLN B 208 -38.25 -28.92 -5.38
N LEU B 209 -37.19 -28.16 -5.67
CA LEU B 209 -36.79 -27.05 -4.76
C LEU B 209 -37.91 -26.01 -4.77
N VAL B 210 -38.42 -25.69 -5.94
CA VAL B 210 -39.56 -24.78 -6.05
C VAL B 210 -40.75 -25.24 -5.27
N ALA B 211 -41.07 -26.52 -5.34
CA ALA B 211 -42.23 -27.05 -4.65
C ALA B 211 -41.97 -26.97 -3.17
N MET B 212 -40.75 -27.21 -2.74
CA MET B 212 -40.44 -27.17 -1.32
C MET B 212 -40.60 -25.74 -0.80
N VAL B 213 -40.08 -24.79 -1.59
CA VAL B 213 -40.14 -23.35 -1.27
C VAL B 213 -41.57 -22.89 -1.24
N LYS B 214 -42.36 -23.21 -2.25
CA LYS B 214 -43.77 -22.79 -2.29
C LYS B 214 -44.61 -23.42 -1.18
N SER B 215 -44.23 -24.61 -0.78
CA SER B 215 -44.83 -25.32 0.32
C SER B 215 -44.72 -24.58 1.66
N LYS B 216 -43.77 -23.66 1.78
CA LYS B 216 -43.49 -23.00 3.08
C LYS B 216 -44.28 -21.70 3.26
N ASN B 217 -44.94 -21.28 2.17
CA ASN B 217 -45.74 -20.04 2.15
C ASN B 217 -45.01 -18.77 2.55
N LEU B 218 -44.17 -18.29 1.64
CA LEU B 218 -43.29 -17.17 1.87
C LEU B 218 -44.01 -15.83 1.67
N THR B 219 -43.41 -14.74 2.19
CA THR B 219 -43.80 -13.36 1.92
C THR B 219 -42.60 -12.46 1.90
N ILE B 220 -42.78 -11.26 1.32
CA ILE B 220 -41.71 -10.23 1.27
C ILE B 220 -41.91 -9.05 2.27
N LYS C 3 2.87 -4.58 -18.92
CA LYS C 3 2.90 -4.32 -17.43
C LYS C 3 1.58 -4.71 -16.82
N LEU C 4 1.61 -5.51 -15.77
CA LEU C 4 0.43 -5.87 -15.05
C LEU C 4 -0.07 -4.61 -14.30
N VAL C 5 -1.36 -4.44 -14.27
CA VAL C 5 -2.00 -3.40 -13.44
C VAL C 5 -3.02 -4.10 -12.54
N LEU C 6 -2.91 -3.89 -11.26
CA LEU C 6 -3.91 -4.36 -10.30
C LEU C 6 -4.72 -3.19 -9.75
N TYR C 7 -6.05 -3.26 -9.88
CA TYR C 7 -7.01 -2.25 -9.35
C TYR C 7 -7.52 -2.77 -8.01
N GLY C 8 -7.43 -1.97 -6.98
CA GLY C 8 -7.96 -2.38 -5.66
C GLY C 8 -7.76 -1.37 -4.58
N ILE C 9 -8.00 -1.79 -3.34
CA ILE C 9 -7.68 -0.99 -2.16
C ILE C 9 -7.41 -2.01 -1.04
N ASP C 10 -6.41 -1.76 -0.20
CA ASP C 10 -5.85 -2.81 0.61
C ASP C 10 -6.68 -3.37 1.78
N PRO C 11 -7.73 -2.65 2.25
CA PRO C 11 -8.56 -3.36 3.20
C PRO C 11 -9.29 -4.56 2.60
N SER C 12 -9.43 -4.59 1.29
CA SER C 12 -10.19 -5.69 0.60
C SER C 12 -9.45 -7.02 0.63
N PRO C 13 -10.04 -8.09 1.23
CA PRO C 13 -9.39 -9.37 1.29
C PRO C 13 -8.97 -9.93 -0.09
N PRO C 14 -9.87 -9.88 -1.10
CA PRO C 14 -9.47 -10.44 -2.37
C PRO C 14 -8.36 -9.70 -3.08
N VAL C 15 -8.30 -8.40 -2.88
CA VAL C 15 -7.19 -7.57 -3.37
C VAL C 15 -5.92 -8.04 -2.68
N ARG C 16 -5.96 -8.25 -1.37
CA ARG C 16 -4.79 -8.76 -0.69
C ARG C 16 -4.31 -10.12 -1.16
N ALA C 17 -5.25 -10.99 -1.57
CA ALA C 17 -4.87 -12.29 -1.99
C ALA C 17 -4.06 -12.14 -3.30
N CYS C 18 -4.47 -11.23 -4.15
CA CYS C 18 -3.75 -10.92 -5.39
C CYS C 18 -2.32 -10.34 -5.09
N LEU C 19 -2.25 -9.42 -4.18
CA LEU C 19 -0.99 -8.90 -3.69
C LEU C 19 -0.07 -10.02 -3.23
N LEU C 20 -0.57 -10.93 -2.38
CA LEU C 20 0.19 -12.09 -1.94
C LEU C 20 0.77 -12.90 -3.08
N THR C 21 -0.09 -13.16 -4.09
CA THR C 21 0.27 -13.98 -5.18
C THR C 21 1.26 -13.30 -6.11
N LEU C 22 1.09 -12.02 -6.32
CA LEU C 22 2.05 -11.22 -7.15
C LEU C 22 3.43 -11.23 -6.48
N LYS C 23 3.47 -11.05 -5.19
CA LYS C 23 4.71 -11.08 -4.46
C LYS C 23 5.35 -12.44 -4.46
N ALA C 24 4.56 -13.49 -4.25
CA ALA C 24 5.05 -14.87 -4.24
C ALA C 24 5.65 -15.22 -5.56
N LEU C 25 5.16 -14.61 -6.63
CA LEU C 25 5.68 -14.88 -8.01
C LEU C 25 6.78 -13.93 -8.43
N ASN C 26 7.16 -13.03 -7.52
CA ASN C 26 8.21 -12.07 -7.82
C ASN C 26 7.85 -11.25 -9.08
N LEU C 27 6.57 -10.88 -9.19
CA LEU C 27 6.05 -10.13 -10.29
C LEU C 27 5.97 -8.65 -9.98
N PRO C 28 6.51 -7.82 -10.86
CA PRO C 28 6.29 -6.36 -10.74
C PRO C 28 4.90 -6.04 -11.24
N PHE C 29 4.31 -4.94 -10.76
CA PHE C 29 2.97 -4.57 -11.22
C PHE C 29 2.70 -3.10 -10.84
N GLU C 30 1.82 -2.48 -11.59
CA GLU C 30 1.32 -1.17 -11.27
C GLU C 30 0.10 -1.40 -10.39
N TYR C 31 -0.19 -0.47 -9.51
CA TYR C 31 -1.31 -0.56 -8.60
C TYR C 31 -2.11 0.69 -8.74
N LYS C 32 -3.40 0.52 -8.96
CA LYS C 32 -4.33 1.63 -9.11
C LYS C 32 -5.37 1.53 -7.99
N VAL C 33 -5.41 2.55 -7.07
CA VAL C 33 -6.36 2.50 -5.99
C VAL C 33 -7.76 2.85 -6.50
N VAL C 34 -8.77 2.08 -6.04
CA VAL C 34 -10.17 2.30 -6.35
C VAL C 34 -10.84 2.49 -5.04
N ASN C 35 -11.27 3.71 -4.74
CA ASN C 35 -11.80 4.00 -3.44
C ASN C 35 -13.29 3.62 -3.37
N LEU C 36 -13.55 2.44 -2.79
CA LEU C 36 -14.89 1.92 -2.64
C LEU C 36 -15.77 2.88 -1.79
N PHE C 37 -15.15 3.48 -0.78
CA PHE C 37 -15.88 4.32 0.19
C PHE C 37 -16.31 5.65 -0.43
N ALA C 38 -15.73 6.00 -1.58
CA ALA C 38 -16.12 7.16 -2.37
C ALA C 38 -16.79 6.76 -3.69
N LYS C 39 -17.18 5.50 -3.81
CA LYS C 39 -17.94 4.98 -4.95
C LYS C 39 -17.20 5.06 -6.30
N GLU C 40 -15.88 5.00 -6.25
CA GLU C 40 -15.07 5.02 -7.46
C GLU C 40 -15.27 3.79 -8.36
N HIS C 41 -15.65 2.71 -7.75
CA HIS C 41 -15.96 1.43 -8.47
C HIS C 41 -17.29 1.50 -9.23
N LEU C 42 -18.09 2.51 -8.91
CA LEU C 42 -19.42 2.75 -9.55
C LEU C 42 -19.35 3.78 -10.72
N SER C 43 -18.15 4.26 -11.04
CA SER C 43 -17.97 5.18 -12.17
C SER C 43 -18.20 4.50 -13.52
N GLU C 44 -18.64 5.29 -14.51
CA GLU C 44 -18.83 4.78 -15.86
C GLU C 44 -17.57 4.09 -16.35
N GLU C 45 -16.40 4.68 -16.01
CA GLU C 45 -15.12 4.18 -16.49
C GLU C 45 -14.75 2.80 -15.86
N TYR C 46 -14.96 2.68 -14.57
CA TYR C 46 -14.63 1.43 -13.87
C TYR C 46 -15.63 0.34 -14.31
N LEU C 47 -16.90 0.71 -14.51
CA LEU C 47 -17.90 -0.28 -14.98
C LEU C 47 -17.55 -0.93 -16.32
N LYS C 48 -16.93 -0.13 -17.18
CA LYS C 48 -16.48 -0.62 -18.47
C LYS C 48 -15.41 -1.68 -18.33
N LYS C 49 -14.64 -1.63 -17.23
CA LYS C 49 -13.56 -2.56 -17.01
C LYS C 49 -14.13 -3.84 -16.37
N ASN C 50 -15.07 -3.63 -15.46
CA ASN C 50 -15.67 -4.68 -14.63
C ASN C 50 -17.11 -4.33 -14.28
N PRO C 51 -18.08 -4.93 -15.01
CA PRO C 51 -19.48 -4.59 -14.78
C PRO C 51 -20.00 -5.06 -13.41
N GLN C 52 -19.27 -5.96 -12.73
CA GLN C 52 -19.68 -6.42 -11.41
C GLN C 52 -19.28 -5.35 -10.33
N HIS C 53 -18.52 -4.34 -10.79
CA HIS C 53 -18.02 -3.27 -9.95
C HIS C 53 -17.44 -3.82 -8.66
N THR C 54 -16.57 -4.83 -8.79
CA THR C 54 -15.76 -5.28 -7.65
C THR C 54 -14.29 -4.97 -7.83
N VAL C 55 -13.55 -4.98 -6.69
CA VAL C 55 -12.14 -5.10 -6.71
C VAL C 55 -11.77 -6.46 -6.16
N PRO C 56 -10.69 -7.08 -6.65
CA PRO C 56 -9.71 -6.62 -7.64
C PRO C 56 -10.12 -6.82 -9.13
N THR C 57 -9.47 -6.05 -9.97
CA THR C 57 -9.45 -6.27 -11.39
C THR C 57 -7.97 -6.32 -11.77
N LEU C 58 -7.62 -7.23 -12.69
CA LEU C 58 -6.31 -7.27 -13.25
C LEU C 58 -6.35 -6.81 -14.70
N GLU C 59 -5.43 -5.94 -15.07
CA GLU C 59 -5.29 -5.56 -16.51
C GLU C 59 -3.93 -6.04 -17.03
N GLU C 60 -3.93 -6.71 -18.15
CA GLU C 60 -2.67 -7.15 -18.82
C GLU C 60 -2.83 -7.04 -20.33
N ASP C 61 -1.99 -6.21 -20.93
CA ASP C 61 -1.97 -5.94 -22.41
C ASP C 61 -3.36 -5.71 -22.89
N GLY C 62 -4.07 -4.80 -22.22
CA GLY C 62 -5.44 -4.52 -22.60
C GLY C 62 -6.52 -5.46 -22.09
N HIS C 63 -6.19 -6.73 -21.78
CA HIS C 63 -7.15 -7.68 -21.27
C HIS C 63 -7.48 -7.40 -19.80
N LEU C 64 -8.77 -7.45 -19.46
CA LEU C 64 -9.23 -7.25 -18.11
C LEU C 64 -9.75 -8.57 -17.54
N ILE C 65 -9.29 -8.94 -16.37
CA ILE C 65 -9.80 -10.10 -15.68
C ILE C 65 -10.15 -9.79 -14.25
N TRP C 66 -11.27 -10.31 -13.77
CA TRP C 66 -11.57 -10.06 -12.37
C TRP C 66 -11.90 -11.32 -11.62
N ASP C 67 -12.12 -11.16 -10.31
CA ASP C 67 -12.21 -12.17 -9.33
C ASP C 67 -10.84 -12.62 -8.91
N SER C 68 -10.51 -12.43 -7.64
CA SER C 68 -9.20 -12.79 -7.11
C SER C 68 -8.80 -14.23 -7.44
N HIS C 69 -9.71 -15.15 -7.32
CA HIS C 69 -9.40 -16.56 -7.49
C HIS C 69 -9.02 -16.84 -8.96
N ALA C 70 -9.80 -16.30 -9.89
CA ALA C 70 -9.48 -16.35 -11.31
C ALA C 70 -8.18 -15.72 -11.65
N ILE C 71 -7.95 -14.52 -11.07
CA ILE C 71 -6.69 -13.79 -11.23
C ILE C 71 -5.50 -14.61 -10.70
N MET C 72 -5.62 -15.19 -9.49
CA MET C 72 -4.55 -15.92 -8.89
C MET C 72 -4.15 -17.11 -9.72
N ALA C 73 -5.13 -17.85 -10.18
CA ALA C 73 -4.92 -19.02 -11.00
C ALA C 73 -4.26 -18.61 -12.34
N TYR C 74 -4.79 -17.56 -12.93
CA TYR C 74 -4.21 -17.00 -14.19
C TYR C 74 -2.77 -16.65 -14.03
N LEU C 75 -2.45 -15.94 -12.93
CA LEU C 75 -1.09 -15.48 -12.70
C LEU C 75 -0.11 -16.63 -12.54
N VAL C 76 -0.46 -17.60 -11.69
CA VAL C 76 0.40 -18.78 -11.55
C VAL C 76 0.53 -19.53 -12.87
N SER C 77 -0.58 -19.78 -13.53
CA SER C 77 -0.55 -20.49 -14.82
C SER C 77 0.31 -19.82 -15.84
N LYS C 78 0.21 -18.50 -15.92
CA LYS C 78 0.95 -17.74 -16.92
C LYS C 78 2.40 -17.55 -16.55
N TYR C 79 2.68 -17.06 -15.33
CA TYR C 79 4.02 -16.64 -14.93
C TYR C 79 4.87 -17.62 -14.11
N GLY C 80 4.24 -18.58 -13.46
CA GLY C 80 4.95 -19.49 -12.50
C GLY C 80 6.06 -20.24 -13.21
N LYS C 81 7.23 -20.24 -12.62
CA LYS C 81 8.41 -21.01 -13.15
C LYS C 81 8.01 -22.45 -13.24
N ASP C 82 7.35 -22.92 -12.18
CA ASP C 82 6.67 -24.19 -12.25
C ASP C 82 5.28 -24.02 -11.60
N ASP C 83 4.63 -25.13 -11.36
CA ASP C 83 3.19 -25.17 -10.94
C ASP C 83 3.05 -25.33 -9.48
N SER C 84 4.11 -25.03 -8.70
CA SER C 84 4.06 -25.26 -7.29
C SER C 84 2.84 -24.54 -6.58
N LEU C 85 2.58 -23.30 -6.93
CA LEU C 85 1.49 -22.53 -6.31
C LEU C 85 0.09 -22.95 -6.76
N TYR C 86 0.00 -23.74 -7.83
CA TYR C 86 -1.26 -24.12 -8.42
C TYR C 86 -0.99 -25.39 -9.26
N PRO C 87 -0.94 -26.54 -8.61
CA PRO C 87 -0.46 -27.78 -9.27
C PRO C 87 -1.30 -28.11 -10.48
N LYS C 88 -0.62 -28.54 -11.54
CA LYS C 88 -1.25 -29.12 -12.72
C LYS C 88 -1.93 -30.45 -12.53
N ASP C 89 -1.41 -31.30 -11.64
CA ASP C 89 -2.00 -32.58 -11.28
C ASP C 89 -3.51 -32.37 -10.98
N LEU C 90 -4.38 -33.06 -11.70
CA LEU C 90 -5.78 -32.70 -11.63
C LEU C 90 -6.40 -32.91 -10.26
N LEU C 91 -6.02 -33.99 -9.58
CA LEU C 91 -6.56 -34.24 -8.21
C LEU C 91 -6.02 -33.19 -7.20
N LYS C 92 -4.77 -32.82 -7.35
CA LYS C 92 -4.18 -31.78 -6.52
C LYS C 92 -4.85 -30.45 -6.80
N ARG C 93 -5.04 -30.11 -8.08
CA ARG C 93 -5.75 -28.89 -8.49
C ARG C 93 -7.16 -28.85 -7.93
N ALA C 94 -7.84 -29.98 -7.90
CA ALA C 94 -9.21 -30.06 -7.32
C ALA C 94 -9.29 -29.68 -5.91
N VAL C 95 -8.23 -29.92 -5.14
CA VAL C 95 -8.22 -29.52 -3.77
C VAL C 95 -7.96 -28.02 -3.65
N VAL C 96 -7.02 -27.49 -4.41
CA VAL C 96 -6.77 -26.03 -4.40
C VAL C 96 -8.04 -25.28 -4.80
N ASP C 97 -8.67 -25.73 -5.91
CA ASP C 97 -9.91 -25.15 -6.39
C ASP C 97 -10.96 -25.18 -5.29
N GLN C 98 -11.22 -26.34 -4.74
CA GLN C 98 -12.20 -26.48 -3.60
C GLN C 98 -11.96 -25.44 -2.48
N ARG C 99 -10.76 -25.41 -1.99
CA ARG C 99 -10.38 -24.45 -0.91
C ARG C 99 -10.71 -23.00 -1.30
N MET C 100 -10.44 -22.62 -2.55
CA MET C 100 -10.72 -21.27 -3.03
C MET C 100 -12.22 -20.98 -3.14
N TYR C 101 -13.00 -21.99 -3.66
CA TYR C 101 -14.46 -21.83 -3.69
C TYR C 101 -15.04 -21.76 -2.32
N PHE C 102 -14.44 -22.50 -1.41
CA PHE C 102 -14.78 -22.41 0.01
C PHE C 102 -14.57 -20.99 0.52
N GLU C 103 -13.42 -20.40 0.20
CA GLU C 103 -13.16 -19.05 0.63
C GLU C 103 -14.17 -18.07 0.03
N ALA C 104 -14.45 -18.19 -1.26
CA ALA C 104 -15.34 -17.23 -1.99
C ALA C 104 -16.74 -17.23 -1.34
N GLY C 105 -17.25 -18.43 -1.04
CA GLY C 105 -18.62 -18.60 -0.58
C GLY C 105 -18.76 -18.56 0.92
N VAL C 106 -18.08 -19.46 1.60
CA VAL C 106 -18.28 -19.67 3.02
C VAL C 106 -17.59 -18.55 3.83
N LEU C 107 -16.34 -18.32 3.55
CA LEU C 107 -15.54 -17.27 4.30
C LEU C 107 -15.88 -15.87 3.95
N PHE C 108 -15.68 -15.52 2.65
CA PHE C 108 -15.82 -14.17 2.24
C PHE C 108 -17.27 -13.70 2.15
N GLN C 109 -18.15 -14.37 1.36
CA GLN C 109 -19.52 -13.88 1.30
C GLN C 109 -20.28 -14.19 2.59
N GLY C 110 -20.27 -15.45 2.98
CA GLY C 110 -21.05 -15.95 4.10
C GLY C 110 -20.63 -15.44 5.45
N GLY C 111 -19.33 -15.28 5.68
CA GLY C 111 -18.84 -14.85 7.00
C GLY C 111 -18.57 -13.36 7.05
N LEU C 112 -17.83 -12.83 6.04
CA LEU C 112 -17.37 -11.46 6.11
C LEU C 112 -18.35 -10.46 5.52
N ARG C 113 -18.61 -10.57 4.22
CA ARG C 113 -19.41 -9.61 3.50
C ARG C 113 -20.86 -9.59 3.99
N ASN C 114 -21.35 -10.71 4.46
CA ASN C 114 -22.66 -10.79 5.08
C ASN C 114 -22.77 -9.83 6.25
N ILE C 115 -21.64 -9.59 6.93
CA ILE C 115 -21.61 -8.58 7.99
C ILE C 115 -21.23 -7.20 7.52
N THR C 116 -20.15 -7.09 6.76
CA THR C 116 -19.58 -5.78 6.46
C THR C 116 -20.44 -4.93 5.54
N ALA C 117 -21.17 -5.56 4.64
CA ALA C 117 -22.04 -4.84 3.71
C ALA C 117 -23.15 -4.07 4.48
N PRO C 118 -23.97 -4.75 5.28
CA PRO C 118 -24.91 -3.94 6.14
C PRO C 118 -24.24 -3.07 7.20
N LEU C 119 -23.06 -3.45 7.65
CA LEU C 119 -22.27 -2.69 8.60
C LEU C 119 -21.82 -1.33 8.13
N PHE C 120 -21.13 -1.31 7.01
CA PHE C 120 -20.63 -0.03 6.45
C PHE C 120 -21.71 0.69 5.65
N PHE C 121 -22.64 -0.02 5.04
CA PHE C 121 -23.69 0.62 4.24
C PHE C 121 -24.88 1.16 5.08
N ARG C 122 -25.32 0.38 6.08
CA ARG C 122 -26.60 0.64 6.76
C ARG C 122 -26.46 0.71 8.23
N ASN C 123 -25.24 0.95 8.69
CA ASN C 123 -24.86 1.03 10.10
C ASN C 123 -25.52 -0.07 10.92
N GLN C 124 -25.54 -1.29 10.37
CA GLN C 124 -26.01 -2.46 11.09
C GLN C 124 -24.91 -2.97 11.99
N THR C 125 -24.90 -2.53 13.24
CA THR C 125 -23.82 -2.81 14.13
C THR C 125 -24.12 -3.92 15.11
N GLN C 126 -25.33 -4.49 15.00
CA GLN C 126 -25.70 -5.62 15.78
C GLN C 126 -25.62 -6.92 14.98
N ILE C 127 -24.80 -7.83 15.49
CA ILE C 127 -24.49 -9.07 14.82
C ILE C 127 -25.14 -10.22 15.56
N PRO C 128 -25.99 -11.01 14.89
CA PRO C 128 -26.60 -12.18 15.55
C PRO C 128 -25.54 -13.21 15.93
N GLN C 129 -25.70 -13.86 17.09
CA GLN C 129 -24.80 -14.92 17.50
C GLN C 129 -24.67 -16.03 16.49
N HIS C 130 -25.74 -16.38 15.80
CA HIS C 130 -25.72 -17.44 14.80
C HIS C 130 -24.68 -17.14 13.66
N GLN C 131 -24.44 -15.83 13.43
CA GLN C 131 -23.45 -15.43 12.43
C GLN C 131 -22.03 -15.67 12.93
N ILE C 132 -21.80 -15.31 14.19
CA ILE C 132 -20.52 -15.58 14.84
C ILE C 132 -20.31 -17.10 14.89
N ASP C 133 -21.39 -17.83 15.17
CA ASP C 133 -21.30 -19.31 15.24
C ASP C 133 -20.90 -19.87 13.93
N SER C 134 -21.42 -19.33 12.85
CA SER C 134 -21.06 -19.71 11.52
C SER C 134 -19.59 -19.46 11.21
N ILE C 135 -19.09 -18.32 11.65
CA ILE C 135 -17.62 -18.02 11.50
C ILE C 135 -16.75 -19.04 12.23
N VAL C 136 -17.13 -19.33 13.50
CA VAL C 136 -16.40 -20.32 14.25
C VAL C 136 -16.52 -21.72 13.63
N GLU C 137 -17.69 -22.00 13.11
CA GLU C 137 -17.91 -23.27 12.34
C GLU C 137 -16.92 -23.34 11.19
N SER C 138 -16.77 -22.22 10.47
CA SER C 138 -15.81 -22.22 9.38
C SER C 138 -14.35 -22.38 9.78
N TYR C 139 -13.97 -21.83 10.95
CA TYR C 139 -12.64 -22.07 11.50
C TYR C 139 -12.45 -23.58 11.71
N GLY C 140 -13.48 -24.24 12.28
CA GLY C 140 -13.46 -25.67 12.42
C GLY C 140 -13.29 -26.45 11.15
N PHE C 141 -13.92 -25.98 10.08
CA PHE C 141 -13.72 -26.58 8.77
C PHE C 141 -12.28 -26.46 8.32
N LEU C 142 -11.67 -25.28 8.54
CA LEU C 142 -10.28 -25.06 8.16
C LEU C 142 -9.34 -25.94 8.97
N GLU C 143 -9.65 -26.10 10.26
CA GLU C 143 -8.91 -27.04 11.11
C GLU C 143 -8.94 -28.46 10.54
N SER C 144 -10.11 -28.92 10.06
CA SER C 144 -10.25 -30.17 9.40
C SER C 144 -9.45 -30.26 8.14
N PHE C 145 -9.44 -29.20 7.36
CA PHE C 145 -8.67 -29.15 6.12
C PHE C 145 -7.20 -29.42 6.35
N LEU C 146 -6.71 -28.96 7.52
CA LEU C 146 -5.35 -29.03 7.91
C LEU C 146 -5.01 -30.36 8.66
N LYS C 147 -6.00 -31.24 8.81
CA LYS C 147 -5.85 -32.42 9.68
C LYS C 147 -4.56 -33.17 9.28
N ASN C 148 -4.40 -33.42 8.00
CA ASN C 148 -3.22 -34.18 7.55
C ASN C 148 -2.29 -33.44 6.61
N ASN C 149 -2.39 -32.11 6.58
CA ASN C 149 -1.52 -31.31 5.72
C ASN C 149 -1.07 -30.05 6.37
N LYS C 150 0.16 -29.65 6.03
CA LYS C 150 0.77 -28.47 6.58
C LYS C 150 0.11 -27.22 6.09
N TYR C 151 -0.33 -27.24 4.82
CA TYR C 151 -0.99 -26.09 4.23
C TYR C 151 -2.42 -26.46 3.82
N MET C 152 -3.17 -25.46 3.39
CA MET C 152 -4.61 -25.69 3.11
C MET C 152 -4.91 -26.74 2.08
N ALA C 153 -4.07 -26.92 1.06
CA ALA C 153 -4.39 -27.83 -0.03
C ALA C 153 -3.37 -28.97 -0.18
N GLY C 154 -2.43 -29.08 0.71
CA GLY C 154 -1.50 -30.19 0.71
C GLY C 154 -0.26 -29.85 1.48
N ASP C 155 0.86 -30.35 1.01
CA ASP C 155 2.12 -30.27 1.73
C ASP C 155 2.94 -29.01 1.43
N HIS C 156 2.56 -28.26 0.37
CA HIS C 156 3.19 -27.03 0.04
C HIS C 156 2.21 -25.87 -0.11
N LEU C 157 2.78 -24.68 0.04
CA LEU C 157 2.06 -23.41 -0.09
C LEU C 157 1.41 -23.33 -1.48
N THR C 158 0.13 -22.94 -1.53
CA THR C 158 -0.53 -22.70 -2.83
C THR C 158 -1.35 -21.43 -2.75
N ILE C 159 -1.95 -21.04 -3.85
CA ILE C 159 -2.88 -19.90 -3.86
C ILE C 159 -4.10 -20.11 -2.93
N ALA C 160 -4.46 -21.36 -2.58
CA ALA C 160 -5.51 -21.61 -1.57
C ALA C 160 -5.16 -20.96 -0.25
N ASP C 161 -3.89 -21.05 0.11
CA ASP C 161 -3.42 -20.44 1.39
C ASP C 161 -3.56 -18.95 1.32
N PHE C 162 -3.19 -18.34 0.20
CA PHE C 162 -3.26 -16.86 0.08
C PHE C 162 -4.71 -16.40 0.12
N SER C 163 -5.61 -17.11 -0.62
CA SER C 163 -6.97 -16.70 -0.65
C SER C 163 -7.55 -16.79 0.80
N ILE C 164 -7.39 -17.91 1.42
CA ILE C 164 -7.92 -18.20 2.79
C ILE C 164 -7.36 -17.25 3.85
N VAL C 165 -6.07 -17.01 3.83
CA VAL C 165 -5.47 -16.17 4.88
C VAL C 165 -6.05 -14.74 4.87
N THR C 166 -6.41 -14.19 3.71
CA THR C 166 -6.91 -12.83 3.61
C THR C 166 -8.25 -12.68 4.29
N SER C 167 -9.10 -13.71 4.13
CA SER C 167 -10.41 -13.72 4.81
C SER C 167 -10.24 -14.03 6.28
N VAL C 168 -9.41 -15.00 6.61
CA VAL C 168 -9.20 -15.40 8.04
C VAL C 168 -8.76 -14.15 8.81
N THR C 169 -7.84 -13.41 8.25
CA THR C 169 -7.24 -12.24 8.97
C THR C 169 -8.18 -11.04 9.03
N SER C 170 -9.32 -11.11 8.32
CA SER C 170 -10.40 -10.19 8.44
C SER C 170 -11.48 -10.66 9.40
N LEU C 171 -11.88 -11.92 9.31
CA LEU C 171 -12.93 -12.51 10.20
C LEU C 171 -12.57 -12.46 11.66
N VAL C 172 -11.30 -12.40 11.96
CA VAL C 172 -10.88 -12.25 13.35
C VAL C 172 -11.29 -10.92 13.98
N ALA C 173 -11.62 -9.92 13.17
CA ALA C 173 -12.29 -8.70 13.70
C ALA C 173 -13.61 -8.98 14.41
N PHE C 174 -14.25 -10.10 14.09
CA PHE C 174 -15.58 -10.46 14.64
C PHE C 174 -15.48 -11.63 15.59
N ALA C 175 -14.57 -12.57 15.32
CA ALA C 175 -14.41 -13.74 16.19
C ALA C 175 -12.99 -14.16 16.23
N GLU C 176 -12.34 -14.06 17.40
CA GLU C 176 -10.97 -14.50 17.49
C GLU C 176 -10.91 -16.00 17.31
N ILE C 177 -9.75 -16.45 16.89
CA ILE C 177 -9.46 -17.85 16.74
C ILE C 177 -8.94 -18.40 18.08
N ASP C 178 -9.64 -19.38 18.63
CA ASP C 178 -9.29 -20.01 19.88
C ASP C 178 -8.23 -21.06 19.60
N GLN C 179 -7.02 -20.77 20.05
CA GLN C 179 -5.87 -21.64 19.86
C GLN C 179 -6.06 -22.99 20.49
N SER C 180 -6.88 -23.08 21.55
CA SER C 180 -7.10 -24.35 22.20
C SER C 180 -8.01 -25.21 21.38
N LYS C 181 -8.89 -24.61 20.59
CA LYS C 181 -9.82 -25.29 19.74
C LYS C 181 -9.23 -25.56 18.35
N PHE C 182 -8.46 -24.60 17.87
CA PHE C 182 -7.98 -24.61 16.49
C PHE C 182 -6.46 -24.43 16.48
N PRO C 183 -5.72 -25.36 17.15
CA PRO C 183 -4.29 -25.22 17.14
C PRO C 183 -3.62 -25.24 15.76
N LYS C 184 -4.11 -26.11 14.84
CA LYS C 184 -3.52 -26.20 13.54
C LYS C 184 -3.72 -24.94 12.69
N LEU C 185 -4.91 -24.36 12.75
CA LEU C 185 -5.24 -23.14 12.06
C LEU C 185 -4.38 -22.00 12.61
N SER C 186 -4.18 -22.00 13.95
CA SER C 186 -3.33 -20.99 14.61
C SER C 186 -1.90 -21.09 14.12
N ALA C 187 -1.32 -22.28 14.12
CA ALA C 187 0.04 -22.53 13.66
C ALA C 187 0.22 -22.15 12.15
N TRP C 188 -0.72 -22.59 11.32
CA TRP C 188 -0.76 -22.23 9.93
C TRP C 188 -0.73 -20.71 9.71
N LEU C 189 -1.52 -19.97 10.45
CA LEU C 189 -1.53 -18.53 10.32
C LEU C 189 -0.16 -17.95 10.63
N LYS C 190 0.41 -18.38 11.76
CA LYS C 190 1.76 -17.92 12.10
C LYS C 190 2.77 -18.22 11.00
N SER C 191 2.64 -19.36 10.39
CA SER C 191 3.54 -19.71 9.33
C SER C 191 3.39 -18.76 8.12
N LEU C 192 2.16 -18.44 7.73
CA LEU C 192 1.91 -17.47 6.68
C LEU C 192 2.45 -16.06 7.04
N GLN C 193 2.27 -15.69 8.29
CA GLN C 193 2.72 -14.40 8.81
C GLN C 193 4.27 -14.30 8.75
N SER C 194 4.97 -15.43 8.65
CA SER C 194 6.42 -15.52 8.56
C SER C 194 6.93 -15.18 7.14
N LEU C 195 6.06 -15.21 6.13
CA LEU C 195 6.56 -14.99 4.77
C LEU C 195 7.14 -13.59 4.67
N PRO C 196 8.24 -13.42 3.93
CA PRO C 196 8.88 -12.09 3.84
C PRO C 196 7.96 -11.01 3.28
N PHE C 197 7.06 -11.38 2.38
CA PHE C 197 6.15 -10.43 1.75
C PHE C 197 4.76 -10.34 2.43
N TYR C 198 4.57 -11.11 3.49
CA TYR C 198 3.29 -11.09 4.20
C TYR C 198 2.80 -9.71 4.61
N GLU C 199 3.65 -8.97 5.33
CA GLU C 199 3.24 -7.63 5.77
C GLU C 199 2.80 -6.71 4.68
N GLU C 200 3.55 -6.63 3.63
CA GLU C 200 3.26 -5.69 2.60
C GLU C 200 2.03 -6.09 1.74
N ALA C 201 1.79 -7.39 1.66
CA ALA C 201 0.72 -7.87 0.75
C ALA C 201 -0.60 -8.03 1.52
N ASN C 202 -0.51 -8.59 2.73
CA ASN C 202 -1.69 -8.79 3.57
C ASN C 202 -1.76 -8.03 4.84
N GLY C 203 -0.65 -8.01 5.56
CA GLY C 203 -0.66 -7.47 6.95
C GLY C 203 -1.18 -6.08 7.00
N ALA C 204 -0.66 -5.22 6.13
CA ALA C 204 -1.00 -3.80 6.13
C ALA C 204 -2.50 -3.59 5.93
N GLY C 205 -3.08 -4.21 4.89
CA GLY C 205 -4.51 -4.05 4.60
C GLY C 205 -5.38 -4.65 5.70
N ALA C 206 -4.98 -5.80 6.20
CA ALA C 206 -5.73 -6.51 7.22
C ALA C 206 -5.87 -5.61 8.45
N LYS C 207 -4.78 -4.93 8.84
CA LYS C 207 -4.80 -4.05 9.99
C LYS C 207 -5.77 -2.90 9.81
N GLN C 208 -5.82 -2.32 8.62
CA GLN C 208 -6.75 -1.25 8.32
C GLN C 208 -8.19 -1.73 8.34
N LEU C 209 -8.48 -2.89 7.74
CA LEU C 209 -9.84 -3.42 7.79
C LEU C 209 -10.30 -3.70 9.24
N VAL C 210 -9.45 -4.37 10.01
CA VAL C 210 -9.77 -4.70 11.42
C VAL C 210 -10.04 -3.39 12.18
N ALA C 211 -9.19 -2.39 11.99
CA ALA C 211 -9.41 -1.07 12.65
C ALA C 211 -10.71 -0.44 12.24
N MET C 212 -11.06 -0.47 10.94
CA MET C 212 -12.32 0.09 10.51
C MET C 212 -13.47 -0.60 11.22
N VAL C 213 -13.41 -1.94 11.28
CA VAL C 213 -14.48 -2.72 11.97
C VAL C 213 -14.53 -2.35 13.46
N LYS C 214 -13.39 -2.36 14.12
CA LYS C 214 -13.31 -2.03 15.57
C LYS C 214 -13.91 -0.66 15.88
N SER C 215 -13.66 0.31 15.02
CA SER C 215 -14.15 1.67 15.23
C SER C 215 -15.70 1.77 15.18
N LYS C 216 -16.36 0.77 14.56
CA LYS C 216 -17.81 0.77 14.41
C LYS C 216 -18.55 0.35 15.71
N ASN C 217 -17.84 -0.19 16.70
CA ASN C 217 -18.44 -0.55 17.99
C ASN C 217 -19.64 -1.53 17.86
N LEU C 218 -19.30 -2.76 17.55
CA LEU C 218 -20.28 -3.77 17.25
C LEU C 218 -20.84 -4.39 18.50
N THR C 219 -22.01 -4.99 18.35
CA THR C 219 -22.68 -5.75 19.41
C THR C 219 -23.06 -7.11 18.89
N ILE C 220 -22.76 -8.16 19.67
CA ILE C 220 -23.23 -9.48 19.35
C ILE C 220 -24.48 -9.76 20.17
N VAL C 221 -25.49 -10.17 19.45
CA VAL C 221 -26.79 -10.30 20.06
C VAL C 221 -27.02 -11.82 20.27
N PRO C 222 -27.45 -12.22 21.46
CA PRO C 222 -27.51 -13.66 21.74
C PRO C 222 -28.62 -14.27 21.02
N LYS D 3 11.17 38.61 -15.23
CA LYS D 3 11.26 39.38 -13.96
C LYS D 3 11.16 38.43 -12.76
N LEU D 4 12.15 38.27 -11.91
CA LEU D 4 12.07 37.32 -10.81
C LEU D 4 11.12 37.86 -9.75
N VAL D 5 10.36 36.97 -9.13
CA VAL D 5 9.47 37.30 -8.02
C VAL D 5 9.79 36.37 -6.87
N LEU D 6 10.14 36.94 -5.74
CA LEU D 6 10.33 36.17 -4.50
C LEU D 6 9.18 36.39 -3.54
N TYR D 7 8.57 35.30 -3.09
CA TYR D 7 7.44 35.31 -2.11
C TYR D 7 8.07 34.98 -0.77
N GLY D 8 7.80 35.79 0.24
CA GLY D 8 8.32 35.50 1.59
C GLY D 8 8.01 36.54 2.62
N ILE D 9 8.65 36.43 3.76
CA ILE D 9 8.62 37.48 4.79
C ILE D 9 9.96 37.40 5.54
N ASP D 10 10.54 38.55 5.96
CA ASP D 10 11.94 38.54 6.30
C ASP D 10 12.38 37.83 7.64
N PRO D 11 11.44 37.61 8.60
CA PRO D 11 11.89 36.81 9.77
C PRO D 11 12.28 35.38 9.36
N SER D 12 11.79 34.93 8.20
CA SER D 12 12.04 33.53 7.74
C SER D 12 13.47 33.27 7.28
N PRO D 13 14.25 32.39 7.96
CA PRO D 13 15.62 32.08 7.53
C PRO D 13 15.77 31.71 6.05
N PRO D 14 14.93 30.79 5.52
CA PRO D 14 15.16 30.43 4.13
C PRO D 14 14.86 31.53 3.12
N VAL D 15 13.92 32.40 3.45
CA VAL D 15 13.65 33.56 2.64
C VAL D 15 14.90 34.44 2.66
N ARG D 16 15.48 34.64 3.84
CA ARG D 16 16.71 35.41 3.94
C ARG D 16 17.87 34.79 3.13
N ALA D 17 17.93 33.48 3.04
CA ALA D 17 19.00 32.86 2.31
C ALA D 17 18.85 33.26 0.82
N CYS D 18 17.64 33.29 0.36
CA CYS D 18 17.36 33.66 -1.06
C CYS D 18 17.70 35.14 -1.28
N LEU D 19 17.29 36.00 -0.40
CA LEU D 19 17.73 37.38 -0.41
C LEU D 19 19.22 37.56 -0.52
N LEU D 20 20.00 36.88 0.34
CA LEU D 20 21.44 36.88 0.29
C LEU D 20 21.95 36.53 -1.09
N THR D 21 21.38 35.47 -1.67
CA THR D 21 21.85 34.95 -2.90
C THR D 21 21.49 35.87 -4.09
N LEU D 22 20.31 36.48 -4.06
CA LEU D 22 19.88 37.43 -5.12
C LEU D 22 20.79 38.65 -5.08
N LYS D 23 21.09 39.12 -3.89
CA LYS D 23 22.01 40.27 -3.76
C LYS D 23 23.43 39.89 -4.20
N ALA D 24 23.93 38.71 -3.82
CA ALA D 24 25.24 38.26 -4.20
C ALA D 24 25.36 38.17 -5.69
N LEU D 25 24.29 37.80 -6.38
CA LEU D 25 24.27 37.72 -7.86
C LEU D 25 23.91 39.03 -8.54
N ASN D 26 23.77 40.10 -7.77
CA ASN D 26 23.42 41.39 -8.33
C ASN D 26 22.13 41.30 -9.19
N LEU D 27 21.17 40.48 -8.73
CA LEU D 27 19.94 40.27 -9.44
C LEU D 27 18.84 41.18 -8.93
N PRO D 28 18.12 41.85 -9.84
CA PRO D 28 16.90 42.58 -9.42
C PRO D 28 15.79 41.59 -9.24
N PHE D 29 14.78 41.92 -8.44
CA PHE D 29 13.63 41.05 -8.26
C PHE D 29 12.47 41.81 -7.63
N GLU D 30 11.28 41.32 -7.85
CA GLU D 30 10.08 41.79 -7.14
C GLU D 30 9.99 40.94 -5.87
N TYR D 31 9.43 41.51 -4.84
CA TYR D 31 9.24 40.83 -3.55
C TYR D 31 7.82 40.93 -3.19
N LYS D 32 7.23 39.80 -2.86
CA LYS D 32 5.81 39.73 -2.50
C LYS D 32 5.77 39.19 -1.07
N VAL D 33 5.24 39.98 -0.12
CA VAL D 33 5.22 39.52 1.26
C VAL D 33 4.06 38.53 1.41
N VAL D 34 4.30 37.45 2.15
CA VAL D 34 3.33 36.44 2.50
C VAL D 34 3.30 36.38 3.99
N ASN D 35 2.21 36.88 4.59
CA ASN D 35 2.14 36.99 6.01
C ASN D 35 1.70 35.68 6.68
N LEU D 36 2.68 34.92 7.12
CA LEU D 36 2.46 33.61 7.75
C LEU D 36 1.61 33.75 9.04
N PHE D 37 1.83 34.85 9.77
CA PHE D 37 1.11 35.11 11.03
C PHE D 37 -0.39 35.37 10.82
N ALA D 38 -0.79 35.78 9.62
CA ALA D 38 -2.18 35.95 9.22
C ALA D 38 -2.64 34.83 8.25
N LYS D 39 -1.87 33.74 8.20
CA LYS D 39 -2.23 32.55 7.42
C LYS D 39 -2.38 32.78 5.90
N GLU D 40 -1.69 33.80 5.38
CA GLU D 40 -1.74 34.11 3.95
C GLU D 40 -1.16 32.99 3.04
N HIS D 41 -0.22 32.25 3.57
CA HIS D 41 0.35 31.05 2.88
C HIS D 41 -0.65 29.87 2.79
N LEU D 42 -1.78 29.97 3.57
CA LEU D 42 -2.81 28.89 3.57
C LEU D 42 -3.99 29.23 2.65
N SER D 43 -3.91 30.36 1.95
CA SER D 43 -4.90 30.75 0.95
C SER D 43 -4.93 29.80 -0.26
N GLU D 44 -6.10 29.69 -0.89
CA GLU D 44 -6.27 28.84 -2.06
C GLU D 44 -5.29 29.26 -3.16
N GLU D 45 -5.08 30.58 -3.29
CA GLU D 45 -4.19 31.16 -4.32
C GLU D 45 -2.72 30.76 -4.09
N TYR D 46 -2.27 30.91 -2.85
CA TYR D 46 -0.88 30.52 -2.53
C TYR D 46 -0.66 28.99 -2.62
N LEU D 47 -1.65 28.21 -2.22
CA LEU D 47 -1.52 26.73 -2.33
C LEU D 47 -1.33 26.28 -3.76
N LYS D 48 -1.94 27.02 -4.69
CA LYS D 48 -1.77 26.71 -6.11
C LYS D 48 -0.38 26.98 -6.58
N LYS D 49 0.33 27.92 -5.93
CA LYS D 49 1.71 28.21 -6.24
C LYS D 49 2.65 27.17 -5.60
N ASN D 50 2.33 26.83 -4.35
CA ASN D 50 3.15 25.96 -3.51
C ASN D 50 2.26 25.16 -2.56
N PRO D 51 1.99 23.87 -2.91
CA PRO D 51 1.12 23.07 -2.07
C PRO D 51 1.72 22.76 -0.71
N GLN D 52 3.04 22.91 -0.53
CA GLN D 52 3.66 22.69 0.78
C GLN D 52 3.40 23.92 1.71
N HIS D 53 2.83 24.96 1.12
CA HIS D 53 2.52 26.22 1.81
C HIS D 53 3.70 26.71 2.68
N THR D 54 4.88 26.76 2.06
CA THR D 54 6.05 27.37 2.71
C THR D 54 6.48 28.61 1.96
N VAL D 55 7.27 29.48 2.68
CA VAL D 55 8.05 30.46 2.04
C VAL D 55 9.52 30.06 2.20
N PRO D 56 10.36 30.39 1.25
CA PRO D 56 10.16 31.12 -0.02
C PRO D 56 9.56 30.30 -1.18
N THR D 57 8.94 31.02 -2.08
CA THR D 57 8.67 30.59 -3.43
C THR D 57 9.34 31.58 -4.41
N LEU D 58 9.90 31.05 -5.49
CA LEU D 58 10.41 31.85 -6.57
C LEU D 58 9.52 31.69 -7.78
N GLU D 59 9.15 32.79 -8.40
CA GLU D 59 8.44 32.74 -9.70
C GLU D 59 9.29 33.37 -10.78
N GLU D 60 9.44 32.67 -11.89
CA GLU D 60 10.20 33.20 -13.06
C GLU D 60 9.49 32.79 -14.38
N ASP D 61 9.04 33.78 -15.14
CA ASP D 61 8.27 33.55 -16.40
C ASP D 61 7.22 32.47 -16.23
N GLY D 62 6.42 32.59 -15.19
CA GLY D 62 5.37 31.62 -14.96
C GLY D 62 5.76 30.42 -14.15
N HIS D 63 7.04 30.01 -14.22
CA HIS D 63 7.52 28.82 -13.46
C HIS D 63 7.65 29.12 -11.95
N LEU D 64 7.16 28.23 -11.12
CA LEU D 64 7.25 28.35 -9.69
C LEU D 64 8.23 27.28 -9.12
N ILE D 65 9.17 27.74 -8.33
CA ILE D 65 10.18 26.91 -7.70
C ILE D 65 10.11 27.18 -6.20
N TRP D 66 10.12 26.13 -5.36
CA TRP D 66 10.26 26.41 -3.94
C TRP D 66 11.38 25.62 -3.30
N ASP D 67 11.58 25.89 -2.01
CA ASP D 67 12.68 25.48 -1.19
C ASP D 67 13.89 26.35 -1.43
N SER D 68 14.36 27.03 -0.39
CA SER D 68 15.46 27.96 -0.49
C SER D 68 16.69 27.33 -1.18
N HIS D 69 17.00 26.10 -0.84
CA HIS D 69 18.22 25.46 -1.32
C HIS D 69 18.12 25.18 -2.84
N ALA D 70 16.95 24.69 -3.30
CA ALA D 70 16.69 24.52 -4.71
C ALA D 70 16.75 25.79 -5.47
N ILE D 71 16.12 26.82 -4.88
CA ILE D 71 16.11 28.15 -5.44
C ILE D 71 17.52 28.72 -5.55
N MET D 72 18.33 28.62 -4.51
CA MET D 72 19.63 29.17 -4.50
C MET D 72 20.49 28.51 -5.56
N ALA D 73 20.43 27.20 -5.66
CA ALA D 73 21.19 26.44 -6.64
C ALA D 73 20.76 26.86 -8.07
N TYR D 74 19.45 26.92 -8.25
CA TYR D 74 18.86 27.36 -9.55
C TYR D 74 19.35 28.72 -9.96
N LEU D 75 19.28 29.69 -9.03
CA LEU D 75 19.74 31.04 -9.32
C LEU D 75 21.19 31.13 -9.75
N VAL D 76 22.09 30.48 -8.99
CA VAL D 76 23.51 30.46 -9.36
C VAL D 76 23.71 29.76 -10.69
N SER D 77 23.08 28.60 -10.87
CA SER D 77 23.22 27.86 -12.09
C SER D 77 22.76 28.65 -13.30
N LYS D 78 21.63 29.35 -13.16
CA LYS D 78 21.03 30.09 -14.23
C LYS D 78 21.74 31.37 -14.51
N TYR D 79 21.97 32.18 -13.48
CA TYR D 79 22.44 33.58 -13.59
C TYR D 79 23.91 33.87 -13.32
N GLY D 80 24.61 32.98 -12.62
CA GLY D 80 26.01 33.24 -12.16
C GLY D 80 26.91 33.42 -13.37
N LYS D 81 27.72 34.46 -13.32
CA LYS D 81 28.72 34.77 -14.37
C LYS D 81 29.64 33.60 -14.50
N ASP D 82 30.07 33.08 -13.35
CA ASP D 82 30.70 31.78 -13.32
C ASP D 82 30.08 30.99 -12.13
N ASP D 83 30.72 29.90 -11.78
CA ASP D 83 30.19 28.94 -10.77
C ASP D 83 30.75 29.12 -9.42
N SER D 84 31.29 30.33 -9.09
CA SER D 84 31.90 30.56 -7.85
C SER D 84 31.00 30.21 -6.62
N LEU D 85 29.77 30.62 -6.66
CA LEU D 85 28.84 30.42 -5.57
C LEU D 85 28.28 29.01 -5.46
N TYR D 86 28.48 28.20 -6.50
CA TYR D 86 27.98 26.87 -6.54
C TYR D 86 28.81 26.08 -7.57
N PRO D 87 29.98 25.62 -7.15
CA PRO D 87 30.97 25.04 -8.09
C PRO D 87 30.42 23.90 -8.89
N LYS D 88 30.71 23.89 -10.19
CA LYS D 88 30.41 22.75 -11.04
C LYS D 88 31.20 21.48 -10.78
N ASP D 89 32.43 21.62 -10.27
CA ASP D 89 33.28 20.51 -9.87
C ASP D 89 32.47 19.55 -8.96
N LEU D 90 32.33 18.30 -9.33
CA LEU D 90 31.39 17.45 -8.65
C LEU D 90 31.72 17.22 -7.18
N LEU D 91 32.99 17.04 -6.86
CA LEU D 91 33.40 16.84 -5.44
C LEU D 91 33.19 18.14 -4.61
N LYS D 92 33.48 19.27 -5.22
CA LYS D 92 33.19 20.57 -4.59
C LYS D 92 31.71 20.78 -4.40
N ARG D 93 30.90 20.46 -5.44
CA ARG D 93 29.45 20.58 -5.36
C ARG D 93 28.89 19.69 -4.25
N ALA D 94 29.46 18.50 -4.10
CA ALA D 94 29.02 17.56 -3.02
C ALA D 94 29.19 18.11 -1.64
N VAL D 95 30.21 18.95 -1.42
CA VAL D 95 30.37 19.60 -0.14
C VAL D 95 29.35 20.71 0.06
N VAL D 96 29.14 21.53 -0.96
CA VAL D 96 28.12 22.59 -0.85
C VAL D 96 26.75 22.01 -0.59
N ASP D 97 26.40 20.95 -1.34
CA ASP D 97 25.16 20.24 -1.20
C ASP D 97 25.03 19.72 0.22
N GLN D 98 26.00 18.98 0.69
CA GLN D 98 25.99 18.42 2.09
C GLN D 98 25.69 19.51 3.15
N ARG D 99 26.42 20.58 3.06
CA ARG D 99 26.24 21.72 4.01
C ARG D 99 24.80 22.24 3.96
N MET D 100 24.19 22.35 2.76
CA MET D 100 22.82 22.83 2.65
C MET D 100 21.80 21.83 3.21
N TYR D 101 22.01 20.52 2.96
CA TYR D 101 21.15 19.50 3.56
C TYR D 101 21.29 19.46 5.04
N PHE D 102 22.50 19.73 5.49
CA PHE D 102 22.75 19.89 6.93
C PHE D 102 21.91 21.04 7.49
N GLU D 103 21.95 22.17 6.83
CA GLU D 103 21.12 23.30 7.25
C GLU D 103 19.65 22.96 7.24
N ALA D 104 19.17 22.30 6.20
CA ALA D 104 17.72 22.02 6.05
C ALA D 104 17.22 21.17 7.27
N GLY D 105 18.02 20.15 7.61
CA GLY D 105 17.58 19.10 8.51
C GLY D 105 17.99 19.41 9.93
N VAL D 106 19.28 19.54 10.12
CA VAL D 106 19.85 19.65 11.47
C VAL D 106 19.60 21.07 12.06
N LEU D 107 19.94 22.10 11.31
CA LEU D 107 19.78 23.52 11.78
C LEU D 107 18.38 24.01 11.78
N PHE D 108 17.75 24.00 10.58
CA PHE D 108 16.47 24.62 10.44
C PHE D 108 15.33 23.79 11.05
N GLN D 109 15.15 22.50 10.61
CA GLN D 109 14.09 21.72 11.20
C GLN D 109 14.39 21.31 12.63
N GLY D 110 15.53 20.64 12.81
CA GLY D 110 15.90 20.04 14.08
C GLY D 110 16.17 21.03 15.18
N GLY D 111 16.78 22.17 14.85
CA GLY D 111 17.19 23.15 15.86
C GLY D 111 16.13 24.25 16.00
N LEU D 112 15.76 24.90 14.86
CA LEU D 112 14.92 26.05 14.94
C LEU D 112 13.45 25.76 14.96
N ARG D 113 12.93 25.18 13.87
CA ARG D 113 11.50 24.98 13.67
C ARG D 113 10.94 24.02 14.72
N ASN D 114 11.79 23.16 15.22
CA ASN D 114 11.44 22.28 16.27
C ASN D 114 11.01 23.04 17.49
N ILE D 115 11.60 24.20 17.73
CA ILE D 115 11.16 25.09 18.81
C ILE D 115 10.09 26.07 18.40
N THR D 116 10.31 26.74 17.23
CA THR D 116 9.46 27.87 16.89
C THR D 116 8.02 27.48 16.53
N ALA D 117 7.84 26.31 15.97
CA ALA D 117 6.52 25.87 15.58
C ALA D 117 5.63 25.71 16.85
N PRO D 118 6.02 24.86 17.80
CA PRO D 118 5.20 24.83 19.06
C PRO D 118 5.15 26.14 19.85
N LEU D 119 6.20 26.95 19.74
CA LEU D 119 6.28 28.26 20.40
C LEU D 119 5.24 29.26 19.96
N PHE D 120 5.22 29.53 18.67
CA PHE D 120 4.29 30.52 18.11
C PHE D 120 2.91 29.90 17.88
N PHE D 121 2.82 28.61 17.64
CA PHE D 121 1.52 27.95 17.43
C PHE D 121 0.79 27.64 18.76
N ARG D 122 1.53 27.06 19.74
CA ARG D 122 0.90 26.42 20.93
C ARG D 122 1.41 27.01 22.22
N ASN D 123 2.04 28.17 22.11
CA ASN D 123 2.66 28.90 23.21
C ASN D 123 3.48 27.96 24.12
N GLN D 124 4.29 27.09 23.49
CA GLN D 124 5.19 26.21 24.21
C GLN D 124 6.47 26.99 24.49
N THR D 125 6.56 27.60 25.66
CA THR D 125 7.63 28.49 26.01
C THR D 125 8.71 27.86 26.86
N GLN D 126 8.51 26.59 27.18
CA GLN D 126 9.48 25.78 27.85
C GLN D 126 10.28 24.89 26.90
N ILE D 127 11.58 25.11 26.91
CA ILE D 127 12.47 24.42 26.01
C ILE D 127 13.32 23.43 26.79
N PRO D 128 13.28 22.15 26.43
CA PRO D 128 14.14 21.18 27.17
C PRO D 128 15.60 21.48 26.95
N GLN D 129 16.43 21.32 27.98
CA GLN D 129 17.87 21.47 27.83
C GLN D 129 18.45 20.62 26.73
N HIS D 130 17.92 19.43 26.49
CA HIS D 130 18.47 18.53 25.47
C HIS D 130 18.33 19.19 24.06
N GLN D 131 17.35 20.08 23.92
CA GLN D 131 17.20 20.83 22.66
C GLN D 131 18.26 21.86 22.48
N ILE D 132 18.56 22.57 23.57
CA ILE D 132 19.60 23.55 23.56
C ILE D 132 20.93 22.82 23.34
N ASP D 133 21.08 21.65 23.97
CA ASP D 133 22.27 20.83 23.77
C ASP D 133 22.48 20.46 22.34
N SER D 134 21.42 20.06 21.66
CA SER D 134 21.48 19.77 20.24
C SER D 134 21.89 20.96 19.40
N ILE D 135 21.38 22.13 19.73
CA ILE D 135 21.84 23.40 19.01
C ILE D 135 23.33 23.60 19.19
N VAL D 136 23.81 23.49 20.44
CA VAL D 136 25.22 23.62 20.69
C VAL D 136 26.05 22.55 19.99
N GLU D 137 25.49 21.34 19.92
CA GLU D 137 26.15 20.24 19.20
C GLU D 137 26.30 20.64 17.74
N SER D 138 25.26 21.26 17.19
CA SER D 138 25.34 21.69 15.80
C SER D 138 26.33 22.81 15.57
N TYR D 139 26.49 23.74 16.52
CA TYR D 139 27.55 24.74 16.42
C TYR D 139 28.91 24.01 16.31
N GLY D 140 29.11 23.00 17.18
CA GLY D 140 30.29 22.16 17.09
C GLY D 140 30.54 21.54 15.75
N PHE D 141 29.48 20.99 15.13
CA PHE D 141 29.63 20.47 13.81
C PHE D 141 30.08 21.54 12.82
N LEU D 142 29.51 22.74 12.92
CA LEU D 142 29.92 23.84 12.05
C LEU D 142 31.39 24.25 12.26
N GLU D 143 31.81 24.27 13.53
CA GLU D 143 33.22 24.52 13.86
C GLU D 143 34.13 23.47 13.23
N SER D 144 33.70 22.20 13.17
CA SER D 144 34.41 21.14 12.49
C SER D 144 34.46 21.37 11.00
N PHE D 145 33.36 21.83 10.42
CA PHE D 145 33.28 22.12 8.98
C PHE D 145 34.32 23.13 8.57
N LEU D 146 34.60 24.07 9.47
CA LEU D 146 35.48 25.18 9.24
C LEU D 146 36.95 24.84 9.60
N LYS D 147 37.18 23.60 10.06
CA LYS D 147 38.53 23.22 10.59
C LYS D 147 39.63 23.62 9.59
N ASN D 148 39.49 23.20 8.37
CA ASN D 148 40.52 23.57 7.40
C ASN D 148 40.06 24.43 6.24
N ASN D 149 38.98 25.18 6.46
CA ASN D 149 38.45 26.04 5.40
C ASN D 149 37.92 27.33 5.92
N LYS D 150 38.12 28.39 5.13
CA LYS D 150 37.68 29.72 5.50
C LYS D 150 36.18 29.85 5.53
N TYR D 151 35.53 29.21 4.55
CA TYR D 151 34.06 29.25 4.46
C TYR D 151 33.49 27.83 4.65
N MET D 152 32.16 27.75 4.69
CA MET D 152 31.52 26.45 5.04
C MET D 152 31.85 25.33 4.10
N ALA D 153 32.08 25.58 2.81
CA ALA D 153 32.27 24.50 1.88
C ALA D 153 33.63 24.54 1.14
N GLY D 154 34.52 25.40 1.56
CA GLY D 154 35.85 25.43 1.02
C GLY D 154 36.46 26.78 1.22
N ASP D 155 37.27 27.23 0.26
CA ASP D 155 38.07 28.44 0.42
C ASP D 155 37.39 29.71 -0.05
N HIS D 156 36.27 29.58 -0.75
CA HIS D 156 35.48 30.70 -1.17
C HIS D 156 34.00 30.64 -0.75
N LEU D 157 33.41 31.83 -0.70
CA LEU D 157 31.98 31.99 -0.34
C LEU D 157 31.09 31.19 -1.29
N THR D 158 30.12 30.45 -0.75
CA THR D 158 29.16 29.77 -1.60
C THR D 158 27.77 29.93 -1.02
N ILE D 159 26.75 29.43 -1.72
CA ILE D 159 25.38 29.40 -1.19
C ILE D 159 25.26 28.57 0.13
N ALA D 160 26.19 27.67 0.44
CA ALA D 160 26.22 26.93 1.72
C ALA D 160 26.36 27.97 2.87
N ASP D 161 27.21 28.95 2.65
CA ASP D 161 27.38 30.01 3.68
C ASP D 161 26.10 30.77 3.88
N PHE D 162 25.43 31.14 2.79
CA PHE D 162 24.20 31.93 2.87
C PHE D 162 23.12 31.13 3.60
N SER D 163 22.99 29.82 3.24
CA SER D 163 21.97 29.04 3.83
C SER D 163 22.23 28.92 5.38
N ILE D 164 23.42 28.53 5.72
CA ILE D 164 23.84 28.30 7.12
C ILE D 164 23.75 29.59 7.97
N VAL D 165 24.17 30.72 7.42
CA VAL D 165 24.18 31.94 8.25
C VAL D 165 22.77 32.36 8.65
N THR D 166 21.75 32.09 7.81
CA THR D 166 20.40 32.50 8.08
C THR D 166 19.85 31.76 9.31
N SER D 167 20.20 30.47 9.42
CA SER D 167 19.77 29.66 10.55
C SER D 167 20.59 29.98 11.79
N VAL D 168 21.89 30.10 11.61
CA VAL D 168 22.78 30.42 12.75
C VAL D 168 22.31 31.72 13.45
N THR D 169 22.00 32.70 12.65
CA THR D 169 21.61 34.02 13.19
C THR D 169 20.21 34.06 13.82
N SER D 170 19.44 32.98 13.62
CA SER D 170 18.19 32.73 14.28
C SER D 170 18.36 31.89 15.55
N LEU D 171 19.17 30.84 15.47
CA LEU D 171 19.41 29.90 16.59
C LEU D 171 20.06 30.57 17.79
N VAL D 172 20.77 31.66 17.56
CA VAL D 172 21.33 32.44 18.65
C VAL D 172 20.28 33.10 19.56
N ALA D 173 19.05 33.20 19.11
CA ALA D 173 17.94 33.58 19.99
C ALA D 173 17.74 32.59 21.13
N PHE D 174 18.21 31.36 20.98
CA PHE D 174 18.02 30.29 21.98
C PHE D 174 19.30 29.90 22.64
N ALA D 175 20.42 29.93 21.91
CA ALA D 175 21.72 29.58 22.49
C ALA D 175 22.77 30.44 21.87
N GLU D 176 23.45 31.26 22.68
CA GLU D 176 24.53 32.06 22.16
C GLU D 176 25.68 31.18 21.73
N ILE D 177 26.46 31.68 20.81
CA ILE D 177 27.68 31.03 20.36
C ILE D 177 28.81 31.46 21.26
N ASP D 178 29.40 30.49 21.97
CA ASP D 178 30.53 30.72 22.85
C ASP D 178 31.80 30.80 22.01
N GLN D 179 32.33 32.01 21.95
CA GLN D 179 33.52 32.33 21.19
C GLN D 179 34.73 31.50 21.62
N SER D 180 34.78 31.12 22.89
CA SER D 180 35.93 30.39 23.38
C SER D 180 35.85 28.96 22.95
N LYS D 181 34.65 28.42 22.73
CA LYS D 181 34.41 27.10 22.24
C LYS D 181 34.43 27.03 20.71
N PHE D 182 33.91 28.08 20.09
CA PHE D 182 33.66 28.10 18.66
C PHE D 182 34.26 29.32 18.00
N PRO D 183 35.62 29.51 18.14
CA PRO D 183 36.22 30.68 17.58
C PRO D 183 36.11 30.83 16.04
N LYS D 184 36.24 29.70 15.31
CA LYS D 184 36.13 29.73 13.89
C LYS D 184 34.72 30.10 13.38
N LEU D 185 33.70 29.50 13.99
CA LEU D 185 32.32 29.83 13.72
C LEU D 185 32.07 31.32 13.98
N SER D 186 32.62 31.80 15.11
CA SER D 186 32.53 33.22 15.48
C SER D 186 33.14 34.15 14.41
N ALA D 187 34.37 33.85 13.99
CA ALA D 187 35.08 34.59 12.97
C ALA D 187 34.31 34.58 11.63
N TRP D 188 33.89 33.39 11.23
CA TRP D 188 33.12 33.22 10.05
C TRP D 188 31.86 34.08 10.02
N LEU D 189 31.12 34.11 11.12
CA LEU D 189 29.94 34.95 11.17
C LEU D 189 30.26 36.43 10.95
N LYS D 190 31.29 36.94 11.66
CA LYS D 190 31.71 38.32 11.49
C LYS D 190 32.08 38.59 10.04
N SER D 191 32.70 37.64 9.40
CA SER D 191 33.06 37.79 8.01
C SER D 191 31.85 37.94 7.09
N LEU D 192 30.84 37.10 7.29
CA LEU D 192 29.58 37.22 6.56
C LEU D 192 28.87 38.56 6.86
N GLN D 193 28.96 38.97 8.10
CA GLN D 193 28.34 40.23 8.58
C GLN D 193 28.99 41.46 7.88
N SER D 194 30.18 41.30 7.36
CA SER D 194 30.94 42.31 6.67
C SER D 194 30.44 42.54 5.23
N LEU D 195 29.72 41.57 4.63
CA LEU D 195 29.28 41.72 3.27
C LEU D 195 28.43 42.99 3.11
N PRO D 196 28.59 43.71 2.00
CA PRO D 196 27.81 44.93 1.82
C PRO D 196 26.30 44.74 1.85
N PHE D 197 25.82 43.61 1.35
CA PHE D 197 24.38 43.33 1.30
C PHE D 197 23.87 42.53 2.52
N TYR D 198 24.76 42.23 3.46
CA TYR D 198 24.36 41.43 4.62
C TYR D 198 23.18 42.00 5.38
N GLU D 199 23.28 43.25 5.81
CA GLU D 199 22.17 43.87 6.52
C GLU D 199 20.82 43.82 5.85
N GLU D 200 20.76 44.17 4.60
CA GLU D 200 19.54 44.23 3.89
C GLU D 200 18.94 42.83 3.58
N ALA D 201 19.80 41.84 3.43
CA ALA D 201 19.33 40.50 3.04
C ALA D 201 19.07 39.62 4.24
N ASN D 202 19.94 39.68 5.25
CA ASN D 202 19.81 38.86 6.45
C ASN D 202 19.61 39.61 7.73
N GLY D 203 20.40 40.65 7.92
CA GLY D 203 20.42 41.29 9.23
C GLY D 203 19.10 41.79 9.70
N ALA D 204 18.38 42.47 8.82
CA ALA D 204 17.08 43.05 9.12
C ALA D 204 16.08 42.02 9.63
N GLY D 205 15.94 40.92 8.87
CA GLY D 205 14.95 39.86 9.20
C GLY D 205 15.37 39.09 10.46
N ALA D 206 16.67 38.86 10.59
CA ALA D 206 17.21 38.14 11.75
C ALA D 206 16.86 38.91 13.02
N LYS D 207 17.06 40.23 13.00
CA LYS D 207 16.71 41.04 14.14
C LYS D 207 15.24 40.90 14.50
N GLN D 208 14.36 40.90 13.52
CA GLN D 208 12.93 40.80 13.78
C GLN D 208 12.55 39.43 14.33
N LEU D 209 13.16 38.38 13.82
CA LEU D 209 12.89 37.04 14.37
C LEU D 209 13.39 36.90 15.81
N VAL D 210 14.63 37.33 16.05
CA VAL D 210 15.24 37.28 17.40
C VAL D 210 14.37 38.06 18.40
N ALA D 211 13.94 39.24 18.01
CA ALA D 211 12.96 40.02 18.79
C ALA D 211 11.66 39.31 19.06
N MET D 212 11.09 38.65 18.06
CA MET D 212 9.84 37.92 18.28
C MET D 212 10.04 36.82 19.32
N VAL D 213 11.15 36.09 19.20
CA VAL D 213 11.49 35.04 20.17
C VAL D 213 11.70 35.60 21.57
N LYS D 214 12.49 36.65 21.68
CA LYS D 214 12.79 37.22 22.99
C LYS D 214 11.51 37.69 23.69
N SER D 215 10.57 38.21 22.90
CA SER D 215 9.33 38.73 23.47
C SER D 215 8.43 37.62 24.05
N LYS D 216 8.71 36.34 23.70
CA LYS D 216 7.92 35.24 24.18
C LYS D 216 8.32 34.76 25.58
N ASN D 217 9.44 35.24 26.10
CA ASN D 217 9.92 34.92 27.46
C ASN D 217 10.01 33.38 27.73
N LEU D 218 11.02 32.81 27.11
CA LEU D 218 11.24 31.37 27.16
C LEU D 218 11.92 30.92 28.44
N THR D 219 11.74 29.63 28.72
CA THR D 219 12.39 28.96 29.84
C THR D 219 13.08 27.72 29.32
N ILE D 220 14.34 27.56 29.71
CA ILE D 220 15.08 26.35 29.44
C ILE D 220 14.93 25.45 30.68
N VAL D 221 14.51 24.25 30.45
CA VAL D 221 14.20 23.37 31.55
C VAL D 221 15.33 22.34 31.63
N PRO D 222 15.89 22.10 32.81
CA PRO D 222 17.06 21.23 32.91
C PRO D 222 16.69 19.83 32.72
#